data_3F9P
#
_entry.id   3F9P
#
_cell.length_a   110.740
_cell.length_b   110.740
_cell.length_c   255.333
_cell.angle_alpha   90.00
_cell.angle_beta   90.00
_cell.angle_gamma   90.00
#
_symmetry.space_group_name_H-M   'P 43 21 2'
#
loop_
_entity.id
_entity.type
_entity.pdbx_description
1 polymer Myeloperoxidase
2 polymer Myeloperoxidase
3 branched beta-D-mannopyranose-(1-3)-[beta-D-mannopyranose-(1-6)]beta-D-mannopyranose-(1-4)-2-acetamido-2-deoxy-beta-D-glucopyranose-(1-4)-[alpha-L-fucopyranose-(1-6)]2-acetamido-2-deoxy-beta-D-glucopyranose
4 non-polymer 'CHLORIDE ION'
5 non-polymer 'PROTOPORPHYRIN IX CONTAINING FE'
6 non-polymer 'CALCIUM ION'
7 non-polymer 2-acetamido-2-deoxy-beta-D-glucopyranose
8 non-polymer 'ACETATE ION'
#
loop_
_entity_poly.entity_id
_entity_poly.type
_entity_poly.pdbx_seq_one_letter_code
_entity_poly.pdbx_strand_id
1 'polypeptide(L)'
;VTCPEQDKYRTITGMCNNRRSPTLGASNRAFVRWLPAEYEDGFSLPYGWTPGVKRNGFPVALARAVSNEIVRFPTDQLTP
DQERSLMFMQWGQLLDHDLDFTPEPAARASFVTG
;
A,B
2 'polypeptide(L)'
;VNCETSCVQQPPCFPLKIPPNDPRIKNQADCIPFFRS(CSO)PACPGSNITIRNQINALTSFVDASMVYGSEEPLARNLR
NMSNQLGLLAVNQRFQDNGRALLPFDNLHDDPCLLTNRSARIPCFLAGDTRSSEMPELTSMHTLLLREHNRLATELKSLN
PRWDGERLYQEARKIVGAMVQIITYRDYLPLVLGPTAMRKYLPTYRSYNDSVDPRIANVFTNAFRYGHTLIQPFMFRLDN
RYQPMEPNPRVPLSRVFFASWRVVLEGGIDPILRGLMATPAKLNRQNQIAVDEIRERLFEQVMRIGLDLPALNMQRSRDH
GLPGYNAWRRFCGLPQPETVGQLGTVLRNLKLARKLMEQYGTPNNIDIWMGGVSEPLKRKGRVGPLLACIIGTQFRKLRD
GDRFWWENEGVFSMQQRQALAQISLPRIICDNTGITTVSKNNIFMSNSYPRDFVNCSTLPALNLASWREAS
;
C,D
#
# COMPACT_ATOMS: atom_id res chain seq x y z
N THR A 2 -18.19 13.23 13.70
CA THR A 2 -17.58 12.19 12.80
C THR A 2 -16.32 12.72 12.08
N CYS A 3 -15.19 12.79 12.78
CA CYS A 3 -15.02 12.35 14.17
C CYS A 3 -15.31 13.46 15.18
N PRO A 4 -15.77 13.09 16.39
CA PRO A 4 -15.94 14.06 17.48
C PRO A 4 -14.62 14.78 17.78
N GLU A 5 -14.69 16.10 17.96
CA GLU A 5 -13.49 16.93 18.12
C GLU A 5 -12.74 16.62 19.42
N GLN A 6 -13.46 16.18 20.44
CA GLN A 6 -12.85 15.72 21.69
C GLN A 6 -13.56 14.47 22.22
N ASP A 7 -12.79 13.42 22.46
CA ASP A 7 -13.29 12.17 23.00
C ASP A 7 -12.50 11.74 24.24
N LYS A 8 -13.08 10.83 25.02
CA LYS A 8 -12.46 10.39 26.27
C LYS A 8 -12.07 8.91 26.23
N TYR A 9 -12.80 8.12 25.45
CA TYR A 9 -12.57 6.67 25.36
C TYR A 9 -12.44 6.19 23.92
N ARG A 10 -12.03 4.93 23.77
CA ARG A 10 -11.92 4.28 22.46
C ARG A 10 -13.31 3.93 21.93
N THR A 11 -13.47 4.01 20.61
CA THR A 11 -14.63 3.44 19.93
C THR A 11 -14.43 1.93 19.83
N ILE A 12 -15.53 1.18 19.74
CA ILE A 12 -15.47 -0.27 19.63
C ILE A 12 -14.88 -0.72 18.30
N THR A 13 -15.30 -0.06 17.22
CA THR A 13 -14.80 -0.37 15.87
C THR A 13 -13.34 0.02 15.67
N GLY A 14 -12.86 0.99 16.46
CA GLY A 14 -11.50 1.50 16.35
C GLY A 14 -11.43 2.77 15.53
N MET A 15 -12.60 3.21 15.06
CA MET A 15 -12.72 4.42 14.25
C MET A 15 -12.33 5.65 15.06
N CYS A 16 -11.68 6.60 14.40
CA CYS A 16 -11.33 7.91 14.97
C CYS A 16 -10.10 7.92 15.88
N ASN A 17 -9.42 6.78 15.99
CA ASN A 17 -8.16 6.71 16.72
C ASN A 17 -7.10 7.58 16.04
N ASN A 18 -7.09 7.54 14.71
CA ASN A 18 -6.29 8.45 13.90
C ASN A 18 -7.22 9.49 13.26
N ARG A 19 -7.04 10.75 13.61
CA ARG A 19 -7.91 11.84 13.14
C ARG A 19 -7.84 12.10 11.64
N ARG A 20 -6.64 12.06 11.07
CA ARG A 20 -6.43 12.36 9.65
C ARG A 20 -6.95 11.25 8.72
N SER A 21 -6.82 10.01 9.17
CA SER A 21 -7.37 8.86 8.45
C SER A 21 -8.06 7.92 9.46
N PRO A 22 -9.35 8.18 9.74
CA PRO A 22 -10.09 7.53 10.83
C PRO A 22 -10.38 6.03 10.67
N THR A 23 -10.08 5.46 9.50
CA THR A 23 -10.31 4.04 9.26
C THR A 23 -9.09 3.16 9.57
N LEU A 24 -7.95 3.80 9.82
CA LEU A 24 -6.70 3.08 10.08
C LEU A 24 -6.71 2.40 11.44
N GLY A 25 -6.61 1.07 11.42
CA GLY A 25 -6.63 0.28 12.65
C GLY A 25 -8.03 -0.16 13.03
N ALA A 26 -9.03 0.39 12.34
CA ALA A 26 -10.43 0.04 12.57
C ALA A 26 -10.75 -1.35 12.03
N SER A 27 -11.75 -1.99 12.62
CA SER A 27 -12.17 -3.33 12.24
C SER A 27 -12.82 -3.38 10.86
N ASN A 28 -12.81 -4.57 10.25
CA ASN A 28 -13.40 -4.83 8.93
C ASN A 28 -12.85 -3.97 7.80
N ARG A 29 -11.53 -3.79 7.79
CA ARG A 29 -10.82 -3.08 6.72
C ARG A 29 -9.70 -3.95 6.17
N ALA A 30 -9.22 -3.61 4.98
CA ALA A 30 -8.14 -4.34 4.32
C ALA A 30 -6.82 -4.23 5.08
N PHE A 31 -6.03 -5.30 5.05
CA PHE A 31 -4.68 -5.28 5.62
C PHE A 31 -3.79 -4.31 4.86
N VAL A 32 -2.82 -3.73 5.55
CA VAL A 32 -1.78 -2.95 4.89
C VAL A 32 -0.72 -3.92 4.36
N ARG A 33 -0.13 -3.58 3.23
CA ARG A 33 0.92 -4.40 2.63
C ARG A 33 2.28 -3.73 2.78
N TRP A 34 3.26 -4.49 3.26
CA TRP A 34 4.64 -4.00 3.32
C TRP A 34 5.41 -4.35 2.04
N LEU A 35 4.91 -5.35 1.32
CA LEU A 35 5.44 -5.71 0.00
C LEU A 35 4.30 -5.96 -0.97
N PRO A 36 4.52 -5.72 -2.28
CA PRO A 36 3.53 -6.06 -3.30
C PRO A 36 3.25 -7.56 -3.32
N ALA A 37 1.98 -7.93 -3.50
CA ALA A 37 1.56 -9.32 -3.45
C ALA A 37 2.06 -10.13 -4.64
N GLU A 38 2.39 -11.38 -4.38
CA GLU A 38 2.85 -12.30 -5.43
C GLU A 38 1.82 -13.41 -5.66
N TYR A 39 1.15 -13.34 -6.80
CA TYR A 39 0.13 -14.31 -7.19
C TYR A 39 0.50 -15.00 -8.50
N GLU A 40 -0.14 -16.14 -8.76
CA GLU A 40 0.08 -16.94 -9.95
C GLU A 40 -0.25 -16.15 -11.22
N ASP A 41 -1.43 -15.52 -11.24
CA ASP A 41 -1.89 -14.75 -12.38
C ASP A 41 -1.52 -13.27 -12.27
N GLY A 42 -0.95 -12.89 -11.13
CA GLY A 42 -0.51 -11.52 -10.90
C GLY A 42 -1.38 -10.74 -9.92
N PHE A 43 -2.65 -11.13 -9.82
CA PHE A 43 -3.61 -10.37 -9.01
C PHE A 43 -4.50 -11.20 -8.08
N SER A 44 -4.77 -12.45 -8.43
CA SER A 44 -5.79 -13.23 -7.70
C SER A 44 -5.41 -14.66 -7.30
N LEU A 45 -4.94 -15.46 -8.27
CA LEU A 45 -4.70 -16.88 -8.05
C LEU A 45 -3.44 -17.15 -7.23
N PRO A 46 -3.56 -17.97 -6.16
CA PRO A 46 -2.42 -18.34 -5.32
C PRO A 46 -1.48 -19.31 -6.03
N TYR A 47 -0.22 -19.37 -5.59
CA TYR A 47 0.75 -20.32 -6.13
C TYR A 47 0.42 -21.75 -5.69
N GLY A 48 0.40 -22.66 -6.65
CA GLY A 48 -0.01 -24.04 -6.41
C GLY A 48 -1.45 -24.29 -6.85
N TRP A 49 -2.06 -23.27 -7.44
CA TRP A 49 -3.43 -23.36 -7.94
C TRP A 49 -3.49 -24.14 -9.25
N THR A 50 -2.69 -23.72 -10.22
CA THR A 50 -2.61 -24.38 -11.52
C THR A 50 -1.44 -25.35 -11.54
N PRO A 51 -1.71 -26.64 -11.85
CA PRO A 51 -0.66 -27.66 -11.95
C PRO A 51 0.36 -27.36 -13.05
N GLY A 52 1.64 -27.53 -12.74
CA GLY A 52 2.71 -27.33 -13.72
C GLY A 52 3.33 -25.93 -13.72
N VAL A 53 2.59 -24.95 -13.20
CA VAL A 53 3.06 -23.56 -13.17
C VAL A 53 4.10 -23.34 -12.07
N LYS A 54 5.33 -23.02 -12.49
CA LYS A 54 6.44 -22.83 -11.58
C LYS A 54 6.46 -21.43 -10.96
N ARG A 55 6.89 -21.36 -9.70
CA ARG A 55 7.14 -20.09 -9.03
C ARG A 55 8.62 -19.75 -9.14
N ASN A 56 8.91 -18.61 -9.77
CA ASN A 56 10.27 -18.11 -9.96
C ASN A 56 11.25 -19.14 -10.54
N GLY A 57 10.74 -19.94 -11.48
CA GLY A 57 11.55 -20.93 -12.20
C GLY A 57 11.71 -22.28 -11.53
N PHE A 58 10.95 -22.51 -10.45
CA PHE A 58 10.99 -23.78 -9.71
C PHE A 58 9.59 -24.26 -9.33
N PRO A 59 9.34 -25.59 -9.43
CA PRO A 59 8.04 -26.17 -9.09
C PRO A 59 7.61 -25.87 -7.66
N VAL A 60 6.32 -25.59 -7.47
CA VAL A 60 5.77 -25.28 -6.17
C VAL A 60 5.58 -26.56 -5.35
N ALA A 61 6.15 -26.57 -4.15
CA ALA A 61 6.05 -27.71 -3.25
C ALA A 61 4.71 -27.71 -2.50
N LEU A 62 4.16 -28.91 -2.30
CA LEU A 62 2.93 -29.08 -1.55
C LEU A 62 3.15 -28.74 -0.08
N ALA A 63 2.27 -27.93 0.49
CA ALA A 63 2.39 -27.47 1.87
C ALA A 63 2.45 -28.62 2.87
N ARG A 64 1.69 -29.68 2.59
CA ARG A 64 1.70 -30.90 3.40
C ARG A 64 3.05 -31.64 3.28
N ALA A 65 3.60 -31.67 2.07
CA ALA A 65 4.88 -32.33 1.80
C ALA A 65 6.04 -31.66 2.55
N VAL A 66 6.03 -30.32 2.57
CA VAL A 66 7.02 -29.54 3.32
C VAL A 66 6.88 -29.80 4.82
N SER A 67 5.63 -29.92 5.28
CA SER A 67 5.32 -30.24 6.67
C SER A 67 5.82 -31.63 7.06
N ASN A 68 5.75 -32.56 6.11
CA ASN A 68 6.19 -33.94 6.35
C ASN A 68 7.70 -34.09 6.48
N GLU A 69 8.45 -33.35 5.65
CA GLU A 69 9.90 -33.52 5.55
C GLU A 69 10.70 -32.62 6.50
N ILE A 70 10.12 -31.50 6.92
CA ILE A 70 10.84 -30.51 7.71
C ILE A 70 10.25 -30.32 9.11
N VAL A 71 8.92 -30.19 9.18
CA VAL A 71 8.23 -29.88 10.44
C VAL A 71 8.10 -31.11 11.35
N ARG A 72 7.88 -32.27 10.74
CA ARG A 72 7.59 -33.51 11.49
C ARG A 72 8.76 -34.02 12.33
N PHE A 73 8.46 -34.38 13.58
CA PHE A 73 9.43 -34.97 14.49
C PHE A 73 8.74 -35.86 15.54
N PRO A 74 9.46 -36.87 16.09
CA PRO A 74 8.88 -37.73 17.12
C PRO A 74 8.53 -36.97 18.40
N THR A 75 7.32 -37.20 18.91
CA THR A 75 6.78 -36.45 20.04
C THR A 75 7.57 -36.63 21.34
N ASP A 76 8.00 -37.85 21.61
CA ASP A 76 8.75 -38.18 22.83
C ASP A 76 10.18 -37.59 22.85
N GLN A 77 10.56 -36.96 21.74
CA GLN A 77 11.87 -36.33 21.59
C GLN A 77 11.82 -34.83 21.93
N LEU A 78 10.65 -34.36 22.36
CA LEU A 78 10.42 -32.94 22.64
C LEU A 78 11.39 -32.34 23.66
N THR A 79 11.94 -31.18 23.34
CA THR A 79 12.83 -30.45 24.23
C THR A 79 12.05 -29.37 24.98
N PRO A 80 11.92 -29.51 26.31
CA PRO A 80 11.22 -28.51 27.12
C PRO A 80 12.05 -27.24 27.28
N ASP A 81 11.39 -26.08 27.18
CA ASP A 81 12.06 -24.79 27.34
C ASP A 81 12.27 -24.51 28.81
N GLN A 82 13.54 -24.42 29.21
CA GLN A 82 13.90 -24.18 30.61
C GLN A 82 13.74 -22.72 31.03
N GLU A 83 13.58 -21.83 30.05
CA GLU A 83 13.50 -20.39 30.31
C GLU A 83 12.12 -19.78 29.97
N ARG A 84 11.20 -20.61 29.48
CA ARG A 84 9.85 -20.14 29.14
C ARG A 84 8.76 -21.03 29.73
N SER A 85 7.68 -20.39 30.18
CA SER A 85 6.49 -21.11 30.65
C SER A 85 5.49 -21.27 29.52
N LEU A 86 4.50 -22.13 29.72
CA LEU A 86 3.44 -22.33 28.73
C LEU A 86 2.52 -21.11 28.65
N MET A 87 2.57 -20.26 29.67
CA MET A 87 1.88 -18.98 29.69
C MET A 87 2.49 -18.02 28.65
N PHE A 88 3.78 -18.20 28.38
CA PHE A 88 4.47 -17.45 27.33
C PHE A 88 3.87 -17.76 25.96
N MET A 89 3.45 -19.01 25.75
CA MET A 89 2.76 -19.41 24.54
C MET A 89 1.33 -18.88 24.53
N GLN A 90 0.61 -19.12 25.63
CA GLN A 90 -0.82 -18.83 25.70
C GLN A 90 -1.18 -17.35 25.64
N TRP A 91 -0.32 -16.50 26.19
CA TRP A 91 -0.50 -15.05 26.07
C TRP A 91 -0.34 -14.61 24.61
N GLY A 92 0.55 -15.28 23.89
CA GLY A 92 0.77 -15.02 22.48
C GLY A 92 -0.49 -15.17 21.64
N GLN A 93 -1.22 -16.25 21.86
CA GLN A 93 -2.48 -16.49 21.16
C GLN A 93 -3.53 -15.47 21.55
N LEU A 94 -3.69 -15.24 22.85
CA LEU A 94 -4.62 -14.25 23.39
C LEU A 94 -4.36 -12.86 22.80
N LEU A 95 -3.08 -12.50 22.71
CA LEU A 95 -2.66 -11.23 22.11
C LEU A 95 -2.91 -11.19 20.61
N ASP A 96 -2.64 -12.31 19.94
CA ASP A 96 -2.91 -12.45 18.50
C ASP A 96 -4.38 -12.21 18.20
N HIS A 97 -5.25 -12.66 19.11
CA HIS A 97 -6.70 -12.56 18.96
C HIS A 97 -7.22 -11.18 19.36
N ASP A 98 -6.31 -10.31 19.78
CA ASP A 98 -6.60 -8.90 20.04
C ASP A 98 -6.26 -8.07 18.80
N LEU A 99 -5.38 -8.61 17.96
CA LEU A 99 -4.85 -7.87 16.82
C LEU A 99 -5.54 -8.18 15.49
N ASP A 100 -5.65 -9.47 15.15
CA ASP A 100 -6.14 -9.86 13.82
C ASP A 100 -6.98 -11.15 13.78
N PHE A 101 -8.02 -11.11 12.95
CA PHE A 101 -8.79 -12.29 12.57
C PHE A 101 -9.15 -12.14 11.10
N THR A 102 -8.66 -13.07 10.27
CA THR A 102 -8.90 -13.02 8.84
C THR A 102 -10.10 -13.91 8.48
N PRO A 103 -11.23 -13.29 8.10
CA PRO A 103 -12.49 -14.00 7.87
C PRO A 103 -12.48 -14.91 6.64
N GLU A 104 -13.34 -15.93 6.68
CA GLU A 104 -13.49 -16.88 5.59
C GLU A 104 -14.98 -17.02 5.27
N PRO A 105 -15.33 -17.32 4.00
CA PRO A 105 -16.71 -17.62 3.66
C PRO A 105 -17.20 -18.90 4.34
N ALA A 106 -18.48 -18.93 4.70
CA ALA A 106 -19.10 -20.12 5.27
C ALA A 106 -19.65 -21.01 4.15
N ALA A 107 -20.22 -22.16 4.53
CA ALA A 107 -20.82 -23.09 3.58
C ALA A 107 -22.32 -22.85 3.45
N ARG A 108 -22.85 -22.73 2.22
CA ARG A 108 -22.07 -22.80 0.98
C ARG A 108 -21.50 -21.42 0.63
N VAL B 1 -19.76 -24.97 -0.44
CA VAL B 1 -19.43 -25.65 -1.73
C VAL B 1 -19.64 -27.17 -1.70
N ASN B 2 -19.01 -27.89 -0.78
CA ASN B 2 -18.25 -27.34 0.35
C ASN B 2 -16.75 -27.67 0.29
N CYS B 3 -15.93 -26.71 0.72
CA CYS B 3 -14.49 -26.92 0.86
C CYS B 3 -14.20 -27.86 2.03
N GLU B 4 -15.18 -27.98 2.92
CA GLU B 4 -15.06 -28.79 4.14
C GLU B 4 -15.24 -30.28 3.85
N THR B 5 -15.95 -30.60 2.77
CA THR B 5 -16.26 -31.99 2.43
C THR B 5 -15.83 -32.43 1.02
N SER B 6 -15.36 -31.49 0.21
CA SER B 6 -14.94 -31.79 -1.16
C SER B 6 -13.47 -31.51 -1.43
N CYS B 7 -12.92 -32.17 -2.45
CA CYS B 7 -11.51 -32.02 -2.83
C CYS B 7 -11.32 -31.31 -4.18
N VAL B 8 -12.43 -30.92 -4.81
CA VAL B 8 -12.41 -30.19 -6.07
C VAL B 8 -11.91 -28.76 -5.83
N GLN B 9 -10.98 -28.30 -6.65
CA GLN B 9 -10.40 -26.97 -6.51
C GLN B 9 -11.17 -25.92 -7.32
N GLN B 10 -12.23 -25.41 -6.73
CA GLN B 10 -13.03 -24.33 -7.29
C GLN B 10 -13.29 -23.26 -6.23
N PRO B 11 -13.31 -21.97 -6.64
CA PRO B 11 -13.52 -20.87 -5.69
C PRO B 11 -14.74 -21.10 -4.78
N PRO B 12 -14.60 -20.78 -3.47
CA PRO B 12 -13.41 -20.25 -2.81
C PRO B 12 -12.53 -21.31 -2.14
N CYS B 13 -12.52 -22.53 -2.68
CA CYS B 13 -11.75 -23.62 -2.08
C CYS B 13 -10.34 -23.71 -2.66
N PHE B 14 -9.37 -23.84 -1.76
CA PHE B 14 -7.97 -24.07 -2.15
C PHE B 14 -7.39 -25.18 -1.27
N PRO B 15 -7.85 -26.43 -1.49
CA PRO B 15 -7.51 -27.53 -0.59
C PRO B 15 -6.07 -28.03 -0.76
N LEU B 16 -5.48 -28.48 0.34
CA LEU B 16 -4.11 -28.98 0.34
C LEU B 16 -4.08 -30.42 -0.21
N LYS B 17 -3.31 -30.61 -1.27
CA LYS B 17 -3.20 -31.91 -1.94
C LYS B 17 -2.26 -32.84 -1.16
N ILE B 18 -2.47 -34.14 -1.31
CA ILE B 18 -1.71 -35.15 -0.55
C ILE B 18 -0.57 -35.75 -1.38
N PRO B 19 0.66 -35.66 -0.86
CA PRO B 19 1.84 -36.24 -1.51
C PRO B 19 1.88 -37.76 -1.38
N PRO B 20 2.66 -38.44 -2.26
CA PRO B 20 2.85 -39.89 -2.15
C PRO B 20 3.56 -40.27 -0.84
N ASN B 21 3.22 -41.44 -0.31
CA ASN B 21 3.81 -41.97 0.93
C ASN B 21 3.68 -41.02 2.13
N ASP B 22 2.47 -40.51 2.33
CA ASP B 22 2.16 -39.66 3.47
C ASP B 22 1.99 -40.53 4.73
N PRO B 23 2.65 -40.15 5.85
CA PRO B 23 2.65 -40.93 7.09
C PRO B 23 1.26 -41.17 7.69
N ARG B 24 0.31 -40.28 7.44
CA ARG B 24 -1.03 -40.40 7.99
C ARG B 24 -2.10 -40.65 6.91
N ILE B 25 -2.18 -39.75 5.94
CA ILE B 25 -3.21 -39.82 4.90
C ILE B 25 -2.75 -40.69 3.72
N LYS B 26 -3.14 -41.96 3.75
CA LYS B 26 -2.74 -42.94 2.74
C LYS B 26 -3.46 -42.73 1.41
N ASN B 27 -4.68 -42.19 1.47
CA ASN B 27 -5.47 -41.91 0.28
C ASN B 27 -4.99 -40.63 -0.41
N GLN B 28 -4.54 -40.77 -1.66
CA GLN B 28 -4.03 -39.64 -2.42
C GLN B 28 -5.16 -38.81 -3.04
N ALA B 29 -6.35 -39.42 -3.13
CA ALA B 29 -7.54 -38.74 -3.63
C ALA B 29 -8.14 -37.79 -2.59
N ASP B 30 -7.75 -37.98 -1.33
CA ASP B 30 -8.19 -37.13 -0.22
C ASP B 30 -7.42 -35.82 -0.21
N CYS B 31 -7.85 -34.88 0.65
CA CYS B 31 -7.23 -33.56 0.76
C CYS B 31 -7.53 -32.91 2.12
N ILE B 32 -6.78 -31.86 2.44
CA ILE B 32 -7.00 -31.09 3.66
C ILE B 32 -7.84 -29.84 3.35
N PRO B 33 -9.00 -29.69 4.04
CA PRO B 33 -9.93 -28.57 3.83
C PRO B 33 -9.29 -27.20 4.03
N PHE B 34 -9.61 -26.27 3.13
CA PHE B 34 -9.08 -24.91 3.18
C PHE B 34 -9.99 -23.92 2.44
N PHE B 35 -10.51 -22.95 3.18
CA PHE B 35 -11.26 -21.84 2.60
C PHE B 35 -10.29 -20.70 2.33
N ARG B 36 -10.37 -20.10 1.14
CA ARG B 36 -9.59 -18.90 0.84
C ARG B 36 -10.15 -17.74 1.64
N SER B 37 -9.25 -16.98 2.29
CA SER B 37 -9.63 -15.78 3.01
C SER B 37 -10.27 -14.78 2.05
N PRO B 39 -11.77 -11.77 -0.11
CA PRO B 39 -11.08 -10.54 -0.49
C PRO B 39 -11.80 -9.26 -0.06
N ALA B 40 -11.03 -8.18 0.09
CA ALA B 40 -11.57 -6.87 0.42
C ALA B 40 -12.25 -6.23 -0.79
N CYS B 41 -11.86 -6.69 -1.99
CA CYS B 41 -12.49 -6.26 -3.23
C CYS B 41 -12.89 -7.49 -4.05
N PRO B 42 -14.10 -8.02 -3.81
CA PRO B 42 -14.59 -9.28 -4.40
C PRO B 42 -14.71 -9.24 -5.93
N GLY B 43 -14.09 -10.22 -6.59
CA GLY B 43 -14.19 -10.40 -8.04
C GLY B 43 -13.77 -9.21 -8.88
N SER B 44 -12.65 -8.59 -8.52
CA SER B 44 -12.15 -7.43 -9.25
C SER B 44 -11.00 -7.79 -10.18
N ASN B 45 -11.04 -7.24 -11.39
CA ASN B 45 -9.97 -7.41 -12.37
C ASN B 45 -8.86 -6.39 -12.17
N ILE B 46 -9.18 -5.29 -11.49
CA ILE B 46 -8.29 -4.13 -11.39
C ILE B 46 -7.35 -4.21 -10.17
N THR B 47 -7.93 -4.34 -8.98
CA THR B 47 -7.14 -4.39 -7.74
C THR B 47 -6.48 -5.74 -7.50
N ILE B 48 -5.26 -5.70 -6.99
CA ILE B 48 -4.56 -6.89 -6.51
C ILE B 48 -5.28 -7.41 -5.26
N ARG B 49 -5.56 -8.71 -5.24
CA ARG B 49 -6.32 -9.33 -4.15
C ARG B 49 -5.65 -9.11 -2.79
N ASN B 50 -6.46 -8.69 -1.82
CA ASN B 50 -6.00 -8.43 -0.46
C ASN B 50 -7.04 -8.91 0.54
N GLN B 51 -6.60 -9.25 1.75
CA GLN B 51 -7.48 -9.84 2.77
C GLN B 51 -7.95 -8.81 3.80
N ILE B 52 -8.93 -9.20 4.62
CA ILE B 52 -9.57 -8.29 5.57
C ILE B 52 -9.20 -8.60 7.01
N ASN B 53 -9.05 -7.56 7.82
CA ASN B 53 -8.91 -7.70 9.28
C ASN B 53 -10.24 -7.42 9.94
N ALA B 54 -10.79 -8.42 10.64
CA ALA B 54 -12.09 -8.31 11.28
C ALA B 54 -12.05 -7.63 12.66
N LEU B 55 -10.84 -7.39 13.16
CA LEU B 55 -10.65 -6.85 14.51
C LEU B 55 -9.91 -5.52 14.52
N THR B 56 -9.95 -4.83 15.66
CA THR B 56 -9.15 -3.62 15.87
C THR B 56 -7.69 -4.00 16.02
N SER B 57 -6.84 -3.39 15.20
CA SER B 57 -5.40 -3.66 15.21
C SER B 57 -4.78 -3.30 16.55
N PHE B 58 -5.31 -2.27 17.19
CA PHE B 58 -4.79 -1.76 18.46
C PHE B 58 -4.83 -2.78 19.58
N VAL B 59 -3.87 -2.67 20.50
CA VAL B 59 -3.87 -3.45 21.72
C VAL B 59 -4.85 -2.75 22.68
N ASP B 60 -6.14 -3.08 22.52
CA ASP B 60 -7.22 -2.41 23.26
C ASP B 60 -8.18 -3.39 23.94
N ALA B 61 -7.70 -4.62 24.12
CA ALA B 61 -8.51 -5.70 24.71
C ALA B 61 -9.81 -5.97 23.94
N SER B 62 -9.73 -5.91 22.62
CA SER B 62 -10.88 -6.16 21.75
C SER B 62 -11.30 -7.64 21.72
N MET B 63 -10.42 -8.51 22.21
CA MET B 63 -10.75 -9.94 22.35
C MET B 63 -11.70 -10.16 23.52
N VAL B 64 -11.87 -9.14 24.35
CA VAL B 64 -12.76 -9.21 25.51
C VAL B 64 -14.06 -8.43 25.24
N TYR B 65 -13.92 -7.22 24.69
CA TYR B 65 -15.06 -6.31 24.54
C TYR B 65 -15.75 -6.39 23.17
N GLY B 66 -14.98 -6.76 22.14
CA GLY B 66 -15.51 -6.85 20.78
C GLY B 66 -14.96 -5.79 19.86
N SER B 67 -15.08 -6.03 18.55
CA SER B 67 -14.62 -5.09 17.54
C SER B 67 -15.78 -4.50 16.73
N GLU B 68 -16.98 -4.97 17.00
CA GLU B 68 -18.20 -4.46 16.37
C GLU B 68 -19.23 -4.09 17.43
N GLU B 69 -20.00 -3.02 17.17
CA GLU B 69 -20.93 -2.47 18.15
C GLU B 69 -22.13 -3.34 18.55
N PRO B 70 -22.73 -4.08 17.60
CA PRO B 70 -23.80 -5.02 18.01
C PRO B 70 -23.30 -6.10 18.97
N LEU B 71 -22.11 -6.63 18.70
CA LEU B 71 -21.50 -7.66 19.55
C LEU B 71 -21.09 -7.11 20.92
N ALA B 72 -20.50 -5.92 20.91
CA ALA B 72 -20.04 -5.26 22.15
C ALA B 72 -21.20 -4.91 23.07
N ARG B 73 -22.36 -4.61 22.49
CA ARG B 73 -23.56 -4.26 23.26
C ARG B 73 -24.19 -5.51 23.87
N ASN B 74 -24.03 -6.65 23.20
CA ASN B 74 -24.55 -7.93 23.68
C ASN B 74 -23.69 -8.57 24.78
N LEU B 75 -22.43 -8.17 24.84
CA LEU B 75 -21.48 -8.72 25.84
C LEU B 75 -21.59 -8.04 27.20
N ARG B 76 -22.29 -6.90 27.25
CA ARG B 76 -22.47 -6.13 28.48
C ARG B 76 -23.68 -6.59 29.29
N ASN B 77 -23.61 -6.39 30.59
CA ASN B 77 -24.76 -6.60 31.47
C ASN B 77 -25.69 -5.39 31.38
N MET B 78 -26.80 -5.57 30.68
CA MET B 78 -27.73 -4.46 30.40
C MET B 78 -28.88 -4.34 31.41
N SER B 79 -28.84 -5.18 32.44
CA SER B 79 -29.90 -5.20 33.46
C SER B 79 -29.78 -4.06 34.46
N ASN B 80 -28.55 -3.66 34.78
CA ASN B 80 -28.29 -2.66 35.81
C ASN B 80 -27.35 -1.53 35.38
N GLN B 81 -27.09 -0.61 36.30
CA GLN B 81 -26.20 0.54 36.06
C GLN B 81 -24.82 0.31 36.67
N LEU B 82 -24.35 -0.95 36.63
CA LEU B 82 -23.06 -1.30 37.23
C LEU B 82 -21.92 -1.36 36.21
N GLY B 83 -22.29 -1.42 34.93
CA GLY B 83 -21.31 -1.43 33.84
C GLY B 83 -20.47 -2.69 33.77
N LEU B 84 -21.10 -3.83 34.06
CA LEU B 84 -20.43 -5.12 34.07
C LEU B 84 -20.52 -5.81 32.71
N LEU B 85 -19.71 -6.86 32.54
CA LEU B 85 -19.82 -7.74 31.38
C LEU B 85 -20.76 -8.90 31.73
N ALA B 86 -21.52 -9.36 30.74
CA ALA B 86 -22.46 -10.47 30.92
C ALA B 86 -21.74 -11.75 31.31
N VAL B 87 -22.29 -12.45 32.31
CA VAL B 87 -21.70 -13.69 32.81
C VAL B 87 -22.61 -14.89 32.53
N ASN B 88 -22.04 -16.09 32.64
CA ASN B 88 -22.78 -17.33 32.40
C ASN B 88 -23.90 -17.53 33.43
N GLN B 89 -25.11 -17.76 32.93
CA GLN B 89 -26.30 -17.83 33.79
C GLN B 89 -26.62 -19.24 34.28
N ARG B 90 -25.99 -20.25 33.68
CA ARG B 90 -26.23 -21.64 34.02
C ARG B 90 -25.16 -22.26 34.91
N PHE B 91 -23.90 -21.90 34.67
CA PHE B 91 -22.76 -22.51 35.37
C PHE B 91 -21.79 -21.50 35.96
N GLN B 92 -21.12 -21.90 37.05
CA GLN B 92 -20.13 -21.08 37.73
C GLN B 92 -18.90 -21.90 38.13
N ASP B 93 -17.74 -21.25 38.18
CA ASP B 93 -16.50 -21.89 38.62
C ASP B 93 -16.27 -21.63 40.10
N ASN B 94 -16.82 -22.50 40.94
CA ASN B 94 -16.72 -22.41 42.40
C ASN B 94 -17.16 -21.04 42.97
N GLY B 95 -18.27 -20.53 42.44
CA GLY B 95 -18.80 -19.23 42.85
C GLY B 95 -18.33 -18.07 41.99
N ARG B 96 -17.27 -18.30 41.21
CA ARG B 96 -16.70 -17.27 40.35
C ARG B 96 -17.29 -17.30 38.93
N ALA B 97 -17.22 -16.15 38.26
CA ALA B 97 -17.88 -15.94 36.97
C ALA B 97 -17.28 -16.74 35.81
N LEU B 98 -18.13 -17.08 34.84
CA LEU B 98 -17.71 -17.70 33.60
C LEU B 98 -18.30 -16.95 32.40
N LEU B 99 -17.66 -17.10 31.24
CA LEU B 99 -18.13 -16.50 29.99
C LEU B 99 -19.50 -17.07 29.61
N PRO B 100 -20.40 -16.23 29.07
CA PRO B 100 -21.73 -16.70 28.66
C PRO B 100 -21.65 -17.60 27.42
N PHE B 101 -22.61 -18.52 27.30
CA PHE B 101 -22.67 -19.43 26.16
C PHE B 101 -23.06 -18.69 24.88
N ASP B 102 -22.59 -19.21 23.75
CA ASP B 102 -22.92 -18.64 22.44
C ASP B 102 -24.05 -19.42 21.78
N ASN B 103 -24.95 -18.70 21.13
CA ASN B 103 -26.04 -19.31 20.37
C ASN B 103 -25.63 -19.44 18.90
N LEU B 104 -24.97 -20.55 18.58
CA LEU B 104 -24.48 -20.80 17.22
C LEU B 104 -25.29 -21.89 16.52
N HIS B 105 -25.38 -21.79 15.19
CA HIS B 105 -26.10 -22.75 14.37
C HIS B 105 -25.43 -24.12 14.39
N ASP B 106 -24.19 -24.18 13.89
CA ASP B 106 -23.38 -25.38 13.94
C ASP B 106 -22.29 -25.22 15.01
N ASP B 107 -22.61 -25.63 16.23
CA ASP B 107 -21.71 -25.48 17.37
C ASP B 107 -20.70 -26.62 17.44
N PRO B 108 -19.41 -26.30 17.29
CA PRO B 108 -18.35 -27.32 17.32
C PRO B 108 -18.05 -27.86 18.72
N CYS B 109 -18.30 -27.04 19.75
CA CYS B 109 -17.99 -27.41 21.13
C CYS B 109 -18.85 -28.56 21.66
N LEU B 110 -20.03 -28.76 21.06
CA LEU B 110 -20.92 -29.85 21.42
C LEU B 110 -20.39 -31.20 20.93
N LEU B 111 -19.63 -31.16 19.83
CA LEU B 111 -19.09 -32.37 19.19
C LEU B 111 -17.95 -33.02 19.98
N THR B 112 -17.31 -32.25 20.85
CA THR B 112 -16.18 -32.73 21.66
C THR B 112 -16.62 -33.75 22.72
N ASN B 113 -17.73 -33.44 23.40
CA ASN B 113 -18.39 -34.38 24.30
C ASN B 113 -19.89 -34.31 24.07
N ARG B 114 -20.44 -35.37 23.48
CA ARG B 114 -21.84 -35.42 23.05
C ARG B 114 -22.85 -35.48 24.19
N SER B 115 -22.46 -36.12 25.29
CA SER B 115 -23.35 -36.26 26.46
C SER B 115 -23.27 -35.06 27.41
N ALA B 116 -22.22 -34.25 27.25
CA ALA B 116 -21.98 -33.09 28.10
C ALA B 116 -22.93 -31.93 27.81
N ARG B 117 -23.16 -31.68 26.52
CA ARG B 117 -24.03 -30.58 26.04
C ARG B 117 -23.56 -29.20 26.50
N ILE B 118 -22.26 -28.95 26.34
CA ILE B 118 -21.67 -27.65 26.67
C ILE B 118 -21.22 -26.93 25.39
N PRO B 119 -21.96 -25.87 25.00
CA PRO B 119 -21.65 -25.12 23.78
C PRO B 119 -20.48 -24.14 23.97
N CYS B 120 -20.08 -23.49 22.88
CA CYS B 120 -18.95 -22.55 22.91
C CYS B 120 -19.28 -21.27 23.66
N PHE B 121 -18.25 -20.60 24.17
CA PHE B 121 -18.42 -19.37 24.94
C PHE B 121 -18.52 -18.15 24.04
N LEU B 122 -19.06 -17.06 24.59
CA LEU B 122 -19.20 -15.80 23.88
C LEU B 122 -18.26 -14.75 24.46
N ALA B 123 -17.35 -14.26 23.63
CA ALA B 123 -16.40 -13.22 24.01
C ALA B 123 -16.21 -12.22 22.87
N GLY B 124 -15.25 -11.31 23.03
CA GLY B 124 -14.95 -10.30 22.01
C GLY B 124 -14.42 -10.89 20.72
N ASP B 125 -13.71 -12.01 20.85
CA ASP B 125 -13.21 -12.76 19.69
C ASP B 125 -13.96 -14.08 19.55
N THR B 126 -14.19 -14.50 18.31
CA THR B 126 -14.97 -15.71 18.01
C THR B 126 -14.25 -17.02 18.35
N ARG B 127 -12.93 -16.96 18.47
CA ARG B 127 -12.10 -18.14 18.71
C ARG B 127 -11.90 -18.46 20.19
N SER B 128 -12.68 -17.81 21.06
CA SER B 128 -12.52 -17.91 22.52
C SER B 128 -12.45 -19.33 23.07
N SER B 129 -13.17 -20.25 22.41
CA SER B 129 -13.29 -21.62 22.89
C SER B 129 -12.32 -22.61 22.22
N GLU B 130 -11.51 -22.11 21.29
CA GLU B 130 -10.58 -22.95 20.52
C GLU B 130 -9.78 -23.94 21.38
N MET B 131 -9.30 -23.47 22.53
CA MET B 131 -8.68 -24.34 23.53
C MET B 131 -8.95 -23.82 24.95
N PRO B 132 -9.11 -24.73 25.94
CA PRO B 132 -9.45 -24.36 27.31
C PRO B 132 -8.44 -23.42 27.98
N GLU B 133 -7.18 -23.49 27.54
CA GLU B 133 -6.14 -22.60 28.02
C GLU B 133 -6.41 -21.15 27.61
N LEU B 134 -6.91 -20.97 26.39
CA LEU B 134 -7.31 -19.67 25.88
C LEU B 134 -8.58 -19.17 26.56
N THR B 135 -9.52 -20.10 26.77
CA THR B 135 -10.78 -19.82 27.46
C THR B 135 -10.52 -19.31 28.88
N SER B 136 -9.57 -19.93 29.56
CA SER B 136 -9.17 -19.55 30.91
C SER B 136 -8.64 -18.11 30.96
N MET B 137 -7.92 -17.71 29.92
CA MET B 137 -7.40 -16.35 29.81
C MET B 137 -8.51 -15.34 29.53
N HIS B 138 -9.47 -15.73 28.69
CA HIS B 138 -10.64 -14.91 28.39
C HIS B 138 -11.50 -14.69 29.62
N THR B 139 -11.72 -15.77 30.38
CA THR B 139 -12.54 -15.73 31.60
C THR B 139 -11.90 -14.85 32.68
N LEU B 140 -10.57 -14.95 32.81
CA LEU B 140 -9.81 -14.18 33.78
C LEU B 140 -9.95 -12.67 33.55
N LEU B 141 -9.93 -12.28 32.28
CA LEU B 141 -10.05 -10.87 31.90
C LEU B 141 -11.47 -10.35 32.08
N LEU B 142 -12.46 -11.22 31.91
CA LEU B 142 -13.86 -10.89 32.13
C LEU B 142 -14.11 -10.60 33.61
N ARG B 143 -13.51 -11.42 34.48
CA ARG B 143 -13.62 -11.25 35.93
C ARG B 143 -12.92 -9.98 36.39
N GLU B 144 -11.82 -9.63 35.72
CA GLU B 144 -11.04 -8.42 36.03
C GLU B 144 -11.84 -7.16 35.77
N HIS B 145 -12.56 -7.12 34.65
CA HIS B 145 -13.44 -6.00 34.32
C HIS B 145 -14.53 -5.83 35.38
N ASN B 146 -15.16 -6.93 35.77
CA ASN B 146 -16.22 -6.92 36.77
C ASN B 146 -15.71 -6.52 38.16
N ARG B 147 -14.49 -6.95 38.49
CA ARG B 147 -13.85 -6.60 39.76
C ARG B 147 -13.50 -5.12 39.82
N LEU B 148 -13.01 -4.58 38.70
CA LEU B 148 -12.65 -3.16 38.58
C LEU B 148 -13.89 -2.27 38.62
N ALA B 149 -14.94 -2.67 37.91
CA ALA B 149 -16.21 -1.94 37.87
C ALA B 149 -16.88 -1.88 39.24
N THR B 150 -16.67 -2.93 40.04
CA THR B 150 -17.21 -3.00 41.40
C THR B 150 -16.47 -2.03 42.33
N GLU B 151 -15.14 -2.01 42.25
CA GLU B 151 -14.33 -1.13 43.08
C GLU B 151 -14.47 0.35 42.70
N LEU B 152 -14.71 0.61 41.41
CA LEU B 152 -14.94 1.97 40.91
C LEU B 152 -16.30 2.52 41.37
N LYS B 153 -17.25 1.62 41.59
CA LYS B 153 -18.56 1.98 42.13
C LYS B 153 -18.45 2.48 43.58
N SER B 154 -17.54 1.88 44.34
CA SER B 154 -17.27 2.30 45.71
C SER B 154 -16.59 3.67 45.78
N LEU B 155 -15.62 3.90 44.91
CA LEU B 155 -14.92 5.18 44.82
C LEU B 155 -15.83 6.29 44.30
N ASN B 156 -16.64 5.95 43.30
CA ASN B 156 -17.55 6.91 42.67
C ASN B 156 -18.97 6.36 42.52
N PRO B 157 -19.84 6.62 43.52
CA PRO B 157 -21.24 6.17 43.48
C PRO B 157 -22.09 6.97 42.51
N ARG B 158 -21.56 8.09 42.02
CA ARG B 158 -22.26 8.98 41.09
C ARG B 158 -22.19 8.46 39.65
N TRP B 159 -21.16 7.66 39.36
CA TRP B 159 -20.91 7.11 38.04
C TRP B 159 -21.99 6.13 37.61
N ASP B 160 -22.54 6.33 36.41
CA ASP B 160 -23.57 5.46 35.86
C ASP B 160 -22.99 4.25 35.12
N GLY B 161 -23.86 3.42 34.55
CA GLY B 161 -23.46 2.20 33.85
C GLY B 161 -22.46 2.40 32.73
N GLU B 162 -22.68 3.45 31.93
CA GLU B 162 -21.81 3.77 30.79
C GLU B 162 -20.42 4.21 31.24
N ARG B 163 -20.37 5.11 32.22
CA ARG B 163 -19.12 5.63 32.76
C ARG B 163 -18.26 4.54 33.40
N LEU B 164 -18.92 3.66 34.17
CA LEU B 164 -18.25 2.57 34.87
C LEU B 164 -17.66 1.52 33.92
N TYR B 165 -18.40 1.22 32.85
CA TYR B 165 -17.95 0.28 31.83
C TYR B 165 -16.72 0.79 31.08
N GLN B 166 -16.81 2.02 30.59
CA GLN B 166 -15.74 2.62 29.79
C GLN B 166 -14.44 2.81 30.58
N GLU B 167 -14.57 3.20 31.85
CA GLU B 167 -13.41 3.39 32.71
C GLU B 167 -12.70 2.08 33.04
N ALA B 168 -13.48 1.02 33.25
CA ALA B 168 -12.94 -0.31 33.50
C ALA B 168 -12.33 -0.91 32.23
N ARG B 169 -12.94 -0.59 31.08
CA ARG B 169 -12.43 -1.00 29.77
C ARG B 169 -11.08 -0.35 29.49
N LYS B 170 -10.93 0.91 29.89
CA LYS B 170 -9.71 1.68 29.72
C LYS B 170 -8.56 1.08 30.53
N ILE B 171 -8.87 0.56 31.72
CA ILE B 171 -7.86 -0.04 32.60
C ILE B 171 -7.42 -1.41 32.09
N VAL B 172 -8.37 -2.28 31.77
CA VAL B 172 -8.07 -3.61 31.24
C VAL B 172 -7.28 -3.51 29.93
N GLY B 173 -7.68 -2.56 29.08
CA GLY B 173 -6.96 -2.29 27.83
C GLY B 173 -5.53 -1.85 28.07
N ALA B 174 -5.33 -1.04 29.11
CA ALA B 174 -3.99 -0.62 29.52
C ALA B 174 -3.20 -1.79 30.11
N MET B 175 -3.89 -2.64 30.86
CA MET B 175 -3.27 -3.83 31.48
C MET B 175 -2.65 -4.77 30.45
N VAL B 176 -3.37 -5.02 29.36
CA VAL B 176 -2.89 -5.90 28.29
C VAL B 176 -1.68 -5.28 27.58
N GLN B 177 -1.69 -3.95 27.41
CA GLN B 177 -0.57 -3.22 26.82
C GLN B 177 0.72 -3.33 27.64
N ILE B 178 0.57 -3.22 28.97
CA ILE B 178 1.70 -3.28 29.89
C ILE B 178 2.34 -4.66 29.93
N ILE B 179 1.52 -5.71 30.07
CA ILE B 179 1.99 -7.09 30.11
C ILE B 179 2.64 -7.51 28.78
N THR B 180 2.12 -6.98 27.68
CA THR B 180 2.64 -7.27 26.35
C THR B 180 4.01 -6.61 26.12
N TYR B 181 4.10 -5.30 26.36
CA TYR B 181 5.28 -4.52 25.99
C TYR B 181 6.39 -4.53 27.03
N ARG B 182 6.04 -4.80 28.29
CA ARG B 182 7.03 -4.85 29.38
C ARG B 182 7.46 -6.28 29.70
N ASP B 183 6.52 -7.21 29.66
CA ASP B 183 6.80 -8.59 30.08
C ASP B 183 6.93 -9.59 28.93
N TYR B 184 6.04 -9.49 27.94
CA TYR B 184 5.97 -10.48 26.86
C TYR B 184 6.99 -10.27 25.75
N LEU B 185 6.90 -9.12 25.07
CA LEU B 185 7.71 -8.83 23.87
C LEU B 185 9.23 -8.93 24.06
N PRO B 186 9.79 -8.36 25.17
CA PRO B 186 11.23 -8.52 25.44
C PRO B 186 11.71 -9.97 25.46
N LEU B 187 10.81 -10.89 25.82
CA LEU B 187 11.13 -12.32 25.87
C LEU B 187 10.93 -13.02 24.53
N VAL B 188 10.25 -12.35 23.61
CA VAL B 188 10.06 -12.86 22.25
C VAL B 188 11.23 -12.45 21.38
N LEU B 189 11.51 -11.15 21.37
CA LEU B 189 12.50 -10.56 20.47
C LEU B 189 13.93 -10.68 21.01
N GLY B 190 14.07 -10.78 22.33
CA GLY B 190 15.38 -10.71 22.98
C GLY B 190 15.74 -9.26 23.26
N PRO B 191 16.80 -9.03 24.07
CA PRO B 191 17.19 -7.68 24.46
C PRO B 191 17.68 -6.81 23.29
N THR B 192 18.37 -7.44 22.34
CA THR B 192 18.97 -6.74 21.21
C THR B 192 17.92 -6.23 20.21
N ALA B 193 16.98 -7.08 19.83
CA ALA B 193 15.91 -6.71 18.91
C ALA B 193 14.86 -5.83 19.58
N MET B 194 14.74 -5.94 20.91
CA MET B 194 13.83 -5.11 21.69
C MET B 194 14.25 -3.64 21.64
N ARG B 195 15.57 -3.38 21.73
CA ARG B 195 16.11 -2.03 21.67
C ARG B 195 16.06 -1.44 20.25
N LYS B 196 16.17 -2.31 19.25
CA LYS B 196 16.17 -1.88 17.85
C LYS B 196 14.77 -1.49 17.36
N TYR B 197 13.81 -2.38 17.57
CA TYR B 197 12.46 -2.21 17.02
C TYR B 197 11.48 -1.55 17.99
N LEU B 198 11.80 -1.57 19.27
CA LEU B 198 10.97 -0.92 20.28
C LEU B 198 11.77 -0.09 21.29
N PRO B 199 12.34 1.05 20.83
CA PRO B 199 13.05 1.93 21.78
C PRO B 199 12.08 2.64 22.72
N THR B 200 12.61 3.35 23.71
CA THR B 200 11.81 4.08 24.70
C THR B 200 10.70 4.89 24.04
N TYR B 201 9.50 4.79 24.60
CA TYR B 201 8.33 5.50 24.10
C TYR B 201 8.46 7.01 24.33
N ARG B 202 8.18 7.78 23.28
CA ARG B 202 8.21 9.25 23.37
C ARG B 202 6.81 9.79 23.57
N SER B 203 6.03 9.78 22.48
CA SER B 203 4.62 10.20 22.49
C SER B 203 3.93 9.72 21.22
N TYR B 204 2.62 9.97 21.13
CA TYR B 204 1.82 9.56 19.98
C TYR B 204 2.26 10.27 18.69
N ASN B 205 2.44 9.49 17.64
CA ASN B 205 2.76 9.99 16.31
C ASN B 205 1.61 9.68 15.37
N ASP B 206 0.90 10.72 14.94
CA ASP B 206 -0.29 10.55 14.08
C ASP B 206 0.05 10.22 12.63
N SER B 207 1.34 10.13 12.32
CA SER B 207 1.82 9.78 10.98
C SER B 207 2.25 8.32 10.89
N VAL B 208 2.14 7.59 12.00
CA VAL B 208 2.47 6.16 12.03
C VAL B 208 1.23 5.34 11.68
N ASP B 209 1.36 4.48 10.67
CA ASP B 209 0.29 3.59 10.24
C ASP B 209 0.09 2.47 11.25
N PRO B 210 -1.07 2.45 11.94
CA PRO B 210 -1.33 1.47 12.99
C PRO B 210 -1.95 0.15 12.53
N ARG B 211 -2.16 0.01 11.22
CA ARG B 211 -2.78 -1.19 10.65
C ARG B 211 -1.92 -2.43 10.80
N ILE B 212 -2.57 -3.60 10.87
CA ILE B 212 -1.87 -4.88 10.88
C ILE B 212 -1.41 -5.21 9.45
N ALA B 213 -0.13 -5.54 9.33
CA ALA B 213 0.44 -5.97 8.05
C ALA B 213 -0.03 -7.38 7.72
N ASN B 214 -0.23 -7.63 6.42
CA ASN B 214 -0.68 -8.94 5.97
C ASN B 214 0.31 -10.05 6.34
N VAL B 215 1.60 -9.74 6.25
CA VAL B 215 2.66 -10.69 6.60
C VAL B 215 2.65 -11.07 8.08
N PHE B 216 2.26 -10.13 8.94
CA PHE B 216 2.22 -10.34 10.39
C PHE B 216 1.26 -11.46 10.80
N THR B 217 0.16 -11.58 10.08
CA THR B 217 -0.85 -12.62 10.35
C THR B 217 -0.27 -14.02 10.18
N ASN B 218 0.69 -14.14 9.28
CA ASN B 218 1.38 -15.40 9.03
C ASN B 218 2.67 -15.50 9.85
N ALA B 219 3.32 -14.37 10.08
CA ALA B 219 4.59 -14.32 10.81
C ALA B 219 4.43 -14.56 12.31
N PHE B 220 3.38 -13.98 12.90
CA PHE B 220 3.12 -14.13 14.34
C PHE B 220 2.59 -15.52 14.69
N ARG B 221 2.52 -16.40 13.68
CA ARG B 221 2.18 -17.80 13.88
C ARG B 221 3.40 -18.62 14.33
N TYR B 222 4.44 -17.92 14.78
CA TYR B 222 5.66 -18.53 15.31
C TYR B 222 5.35 -19.33 16.59
N GLY B 223 4.32 -18.91 17.31
CA GLY B 223 3.92 -19.53 18.57
C GLY B 223 3.42 -20.95 18.43
N HIS B 224 3.10 -21.35 17.20
CA HIS B 224 2.74 -22.73 16.89
C HIS B 224 3.89 -23.70 17.14
N THR B 225 5.10 -23.15 17.28
CA THR B 225 6.30 -23.93 17.61
C THR B 225 6.49 -24.07 19.13
N LEU B 226 5.72 -23.30 19.89
CA LEU B 226 5.80 -23.29 21.35
C LEU B 226 4.75 -24.20 21.99
N ILE B 227 3.83 -24.71 21.17
CA ILE B 227 2.70 -25.50 21.65
C ILE B 227 3.11 -26.91 22.12
N GLN B 228 2.73 -27.23 23.35
CA GLN B 228 2.96 -28.56 23.92
C GLN B 228 1.85 -29.53 23.50
N PRO B 229 2.18 -30.83 23.34
CA PRO B 229 1.21 -31.84 22.90
C PRO B 229 0.12 -32.18 23.93
N PHE B 230 0.25 -31.65 25.14
CA PHE B 230 -0.73 -31.90 26.19
C PHE B 230 -1.25 -30.61 26.83
N MET B 231 -2.46 -30.68 27.37
CA MET B 231 -2.99 -29.64 28.25
C MET B 231 -2.74 -30.07 29.70
N PHE B 232 -2.05 -29.23 30.45
CA PHE B 232 -1.63 -29.57 31.80
C PHE B 232 -2.49 -28.90 32.86
N ARG B 233 -2.99 -29.71 33.80
CA ARG B 233 -3.81 -29.22 34.90
C ARG B 233 -3.26 -29.70 36.24
N LEU B 234 -3.23 -28.79 37.21
CA LEU B 234 -2.69 -29.07 38.55
C LEU B 234 -3.62 -28.56 39.63
N ASP B 235 -3.63 -29.25 40.78
CA ASP B 235 -4.44 -28.83 41.93
C ASP B 235 -3.82 -27.64 42.67
N ASN B 236 -4.46 -27.20 43.74
CA ASN B 236 -4.01 -26.02 44.51
C ASN B 236 -2.62 -26.17 45.16
N ARG B 237 -2.15 -27.42 45.31
CA ARG B 237 -0.80 -27.68 45.79
C ARG B 237 0.19 -27.97 44.64
N TYR B 238 -0.24 -27.64 43.42
CA TYR B 238 0.57 -27.77 42.20
C TYR B 238 1.06 -29.20 41.89
N GLN B 239 0.16 -30.16 42.07
CA GLN B 239 0.41 -31.56 41.72
C GLN B 239 -0.56 -32.03 40.65
N PRO B 240 -0.13 -32.96 39.78
CA PRO B 240 -0.99 -33.49 38.71
C PRO B 240 -2.39 -33.85 39.18
N MET B 241 -3.37 -33.06 38.73
CA MET B 241 -4.76 -33.25 39.12
C MET B 241 -5.39 -34.46 38.42
N GLU B 242 -5.96 -35.36 39.22
CA GLU B 242 -6.49 -36.62 38.72
C GLU B 242 -7.94 -36.49 38.24
N PRO B 243 -8.40 -37.41 37.36
CA PRO B 243 -7.64 -38.49 36.74
C PRO B 243 -7.03 -38.13 35.39
N ASN B 244 -7.21 -36.88 34.96
CA ASN B 244 -6.69 -36.39 33.68
C ASN B 244 -5.74 -35.20 33.84
N PRO B 245 -4.48 -35.45 34.24
CA PRO B 245 -3.52 -34.35 34.35
C PRO B 245 -2.82 -34.03 33.02
N ARG B 246 -2.70 -35.03 32.15
CA ARG B 246 -1.96 -34.91 30.91
C ARG B 246 -2.86 -35.33 29.74
N VAL B 247 -3.72 -34.41 29.31
CA VAL B 247 -4.69 -34.68 28.25
C VAL B 247 -4.10 -34.30 26.89
N PRO B 248 -4.11 -35.26 25.93
CA PRO B 248 -3.68 -34.97 24.56
C PRO B 248 -4.42 -33.77 23.97
N LEU B 249 -3.71 -32.97 23.19
CA LEU B 249 -4.22 -31.70 22.67
C LEU B 249 -5.34 -31.87 21.64
N SER B 250 -5.33 -33.01 20.93
CA SER B 250 -6.35 -33.32 19.93
C SER B 250 -7.74 -33.52 20.55
N ARG B 251 -7.77 -33.65 21.86
CA ARG B 251 -9.02 -33.89 22.59
C ARG B 251 -9.38 -32.73 23.52
N VAL B 252 -8.67 -31.61 23.39
CA VAL B 252 -8.99 -30.39 24.13
C VAL B 252 -9.52 -29.26 23.22
N PHE B 253 -9.32 -29.42 21.91
CA PHE B 253 -9.78 -28.43 20.93
C PHE B 253 -11.29 -28.28 20.99
N PHE B 254 -11.74 -27.05 21.21
CA PHE B 254 -13.17 -26.71 21.38
C PHE B 254 -13.86 -27.46 22.52
N ALA B 255 -13.07 -28.12 23.38
CA ALA B 255 -13.61 -28.82 24.53
C ALA B 255 -13.92 -27.84 25.66
N SER B 256 -15.02 -27.11 25.50
CA SER B 256 -15.49 -26.13 26.48
C SER B 256 -16.04 -26.81 27.73
N TRP B 257 -16.43 -28.08 27.60
CA TRP B 257 -16.97 -28.88 28.70
C TRP B 257 -15.93 -29.15 29.79
N ARG B 258 -14.65 -29.19 29.40
CA ARG B 258 -13.56 -29.45 30.34
C ARG B 258 -13.37 -28.32 31.35
N VAL B 259 -13.77 -27.11 30.97
CA VAL B 259 -13.74 -25.96 31.87
C VAL B 259 -14.94 -26.02 32.82
N VAL B 260 -16.14 -26.21 32.27
CA VAL B 260 -17.38 -26.22 33.04
C VAL B 260 -17.49 -27.41 33.99
N LEU B 261 -17.20 -28.61 33.47
CA LEU B 261 -17.41 -29.85 34.23
C LEU B 261 -16.18 -30.37 34.97
N GLU B 262 -15.02 -30.30 34.32
CA GLU B 262 -13.79 -30.87 34.89
C GLU B 262 -12.93 -29.84 35.63
N GLY B 263 -13.50 -29.28 36.69
CA GLY B 263 -12.76 -28.37 37.58
C GLY B 263 -13.08 -26.90 37.37
N GLY B 264 -12.34 -26.27 36.47
CA GLY B 264 -12.51 -24.85 36.18
C GLY B 264 -11.28 -24.26 35.52
N ILE B 265 -11.13 -22.94 35.63
CA ILE B 265 -9.99 -22.25 35.03
C ILE B 265 -8.76 -22.25 35.95
N ASP B 266 -8.98 -22.55 37.23
CA ASP B 266 -7.90 -22.60 38.23
C ASP B 266 -6.84 -23.68 37.97
N PRO B 267 -7.27 -24.94 37.69
CA PRO B 267 -6.28 -25.98 37.39
C PRO B 267 -5.53 -25.72 36.09
N ILE B 268 -6.21 -25.12 35.11
CA ILE B 268 -5.61 -24.82 33.80
C ILE B 268 -4.55 -23.71 33.90
N LEU B 269 -4.87 -22.65 34.65
CA LEU B 269 -3.96 -21.53 34.86
C LEU B 269 -2.73 -21.92 35.68
N ARG B 270 -2.92 -22.80 36.66
CA ARG B 270 -1.82 -23.34 37.45
C ARG B 270 -0.90 -24.22 36.61
N GLY B 271 -1.47 -24.86 35.60
CA GLY B 271 -0.71 -25.67 34.66
C GLY B 271 0.16 -24.83 33.72
N LEU B 272 -0.43 -23.78 33.17
CA LEU B 272 0.29 -22.86 32.28
C LEU B 272 1.47 -22.16 32.98
N MET B 273 1.33 -21.93 34.27
CA MET B 273 2.36 -21.28 35.07
C MET B 273 3.50 -22.20 35.46
N ALA B 274 3.18 -23.47 35.72
CA ALA B 274 4.16 -24.43 36.24
C ALA B 274 4.64 -25.47 35.23
N THR B 275 4.23 -25.32 33.97
CA THR B 275 4.69 -26.22 32.91
C THR B 275 5.54 -25.44 31.90
N PRO B 276 6.75 -25.96 31.60
CA PRO B 276 7.60 -25.40 30.56
C PRO B 276 6.95 -25.46 29.18
N ALA B 277 7.16 -24.42 28.38
CA ALA B 277 6.70 -24.39 26.99
C ALA B 277 7.60 -25.26 26.12
N LYS B 278 7.18 -25.49 24.88
CA LYS B 278 8.01 -26.20 23.92
C LYS B 278 9.08 -25.25 23.38
N LEU B 279 10.30 -25.75 23.26
CA LEU B 279 11.40 -25.00 22.67
C LEU B 279 11.44 -25.22 21.17
N ASN B 280 11.53 -24.13 20.41
CA ASN B 280 11.66 -24.20 18.96
C ASN B 280 13.07 -24.65 18.56
N ARG B 281 13.17 -25.88 18.07
CA ARG B 281 14.43 -26.41 17.56
C ARG B 281 14.29 -26.76 16.09
N GLN B 282 15.40 -26.72 15.36
CA GLN B 282 15.40 -26.86 13.90
C GLN B 282 14.93 -28.23 13.40
N ASN B 283 15.15 -29.27 14.21
CA ASN B 283 14.64 -30.60 13.89
C ASN B 283 13.41 -30.99 14.74
N GLN B 284 12.90 -30.02 15.51
CA GLN B 284 11.72 -30.21 16.35
C GLN B 284 10.83 -28.97 16.28
N ILE B 285 10.25 -28.71 15.12
CA ILE B 285 9.51 -27.46 14.88
C ILE B 285 8.13 -27.42 15.53
N ALA B 286 7.24 -28.34 15.15
CA ALA B 286 5.88 -28.37 15.70
C ALA B 286 5.39 -29.80 15.94
N VAL B 287 4.72 -29.99 17.08
CA VAL B 287 4.22 -31.32 17.50
C VAL B 287 3.17 -31.89 16.57
N ASP B 288 3.03 -33.21 16.57
CA ASP B 288 2.07 -33.91 15.73
C ASP B 288 0.62 -33.78 16.20
N GLU B 289 0.42 -33.23 17.39
CA GLU B 289 -0.92 -32.98 17.92
C GLU B 289 -1.64 -31.86 17.16
N ILE B 290 -0.85 -30.95 16.57
CA ILE B 290 -1.38 -29.88 15.72
C ILE B 290 -1.00 -30.11 14.25
N ARG B 291 -0.04 -31.00 14.01
CA ARG B 291 0.42 -31.31 12.66
C ARG B 291 -0.34 -32.47 12.03
N GLU B 292 -0.91 -33.33 12.87
CA GLU B 292 -1.64 -34.51 12.40
C GLU B 292 -3.07 -34.58 12.90
N ARG B 293 -3.32 -34.00 14.07
CA ARG B 293 -4.59 -34.19 14.77
C ARG B 293 -5.28 -32.88 15.18
N LEU B 294 -5.09 -31.83 14.39
CA LEU B 294 -5.74 -30.55 14.66
C LEU B 294 -7.23 -30.62 14.36
N PHE B 295 -8.04 -30.30 15.36
CA PHE B 295 -9.51 -30.37 15.30
C PHE B 295 -10.02 -31.73 14.82
N GLU B 296 -9.38 -32.80 15.27
CA GLU B 296 -9.70 -34.17 14.84
C GLU B 296 -11.12 -34.59 15.24
N GLN B 297 -11.60 -34.03 16.35
CA GLN B 297 -12.91 -34.38 16.89
C GLN B 297 -14.07 -33.66 16.21
N VAL B 298 -13.81 -32.45 15.71
CA VAL B 298 -14.88 -31.59 15.15
C VAL B 298 -14.87 -31.47 13.62
N MET B 299 -13.93 -32.15 12.97
CA MET B 299 -13.81 -32.15 11.51
C MET B 299 -13.88 -33.59 10.99
N ARG B 300 -14.02 -33.74 9.68
CA ARG B 300 -14.02 -35.06 9.04
C ARG B 300 -12.65 -35.73 9.13
N ILE B 301 -11.59 -34.94 9.01
CA ILE B 301 -10.22 -35.40 9.21
C ILE B 301 -9.40 -34.37 9.99
N GLY B 302 -8.29 -34.83 10.58
CA GLY B 302 -7.40 -33.96 11.35
C GLY B 302 -6.56 -33.06 10.45
N LEU B 303 -6.49 -31.78 10.81
CA LEU B 303 -5.80 -30.77 10.01
C LEU B 303 -4.30 -30.72 10.31
N ASP B 304 -3.56 -30.08 9.41
CA ASP B 304 -2.11 -29.89 9.55
C ASP B 304 -1.83 -28.39 9.65
N LEU B 305 -1.77 -27.88 10.87
CA LEU B 305 -1.63 -26.44 11.13
C LEU B 305 -0.41 -25.78 10.44
N PRO B 306 0.80 -26.36 10.60
CA PRO B 306 1.96 -25.82 9.88
C PRO B 306 1.77 -25.76 8.37
N ALA B 307 1.14 -26.80 7.80
CA ALA B 307 0.82 -26.82 6.38
C ALA B 307 -0.26 -25.81 6.03
N LEU B 308 -1.24 -25.65 6.92
CA LEU B 308 -2.28 -24.63 6.77
C LEU B 308 -1.70 -23.20 6.81
N ASN B 309 -0.66 -23.01 7.62
CA ASN B 309 0.06 -21.74 7.67
C ASN B 309 0.71 -21.41 6.35
N MET B 310 1.37 -22.40 5.76
CA MET B 310 2.08 -22.24 4.49
C MET B 310 1.14 -22.07 3.30
N GLN B 311 -0.02 -22.74 3.37
CA GLN B 311 -1.05 -22.61 2.34
C GLN B 311 -1.70 -21.22 2.40
N ARG B 312 -1.92 -20.72 3.62
CA ARG B 312 -2.52 -19.40 3.84
C ARG B 312 -1.65 -18.26 3.30
N SER B 313 -0.34 -18.40 3.45
CA SER B 313 0.62 -17.40 2.95
C SER B 313 0.57 -17.28 1.43
N ARG B 314 0.32 -18.40 0.76
CA ARG B 314 0.13 -18.42 -0.69
C ARG B 314 -1.23 -17.84 -1.07
N ASP B 315 -2.25 -18.16 -0.26
CA ASP B 315 -3.60 -17.63 -0.42
C ASP B 315 -3.60 -16.10 -0.27
N HIS B 316 -2.82 -15.60 0.69
CA HIS B 316 -2.67 -14.17 0.93
C HIS B 316 -1.73 -13.50 -0.08
N GLY B 317 -1.08 -14.31 -0.91
CA GLY B 317 -0.15 -13.81 -1.93
C GLY B 317 1.10 -13.18 -1.36
N LEU B 318 1.57 -13.70 -0.23
CA LEU B 318 2.76 -13.19 0.42
C LEU B 318 4.02 -13.66 -0.31
N PRO B 319 4.99 -12.75 -0.53
CA PRO B 319 6.28 -13.08 -1.11
C PRO B 319 7.07 -14.11 -0.31
N GLY B 320 8.09 -14.69 -0.93
CA GLY B 320 8.91 -15.74 -0.30
C GLY B 320 9.88 -15.24 0.76
N TYR B 321 10.69 -16.17 1.26
CA TYR B 321 11.64 -15.92 2.34
C TYR B 321 12.61 -14.79 2.04
N ASN B 322 13.33 -14.89 0.92
CA ASN B 322 14.35 -13.91 0.53
C ASN B 322 13.82 -12.48 0.34
N ALA B 323 12.60 -12.37 -0.17
CA ALA B 323 11.97 -11.07 -0.37
C ALA B 323 11.71 -10.36 0.96
N TRP B 324 11.39 -11.14 1.99
CA TRP B 324 11.18 -10.59 3.33
C TRP B 324 12.48 -10.35 4.07
N ARG B 325 13.51 -11.13 3.73
CA ARG B 325 14.87 -10.91 4.24
C ARG B 325 15.41 -9.57 3.74
N ARG B 326 15.19 -9.31 2.44
CA ARG B 326 15.60 -8.06 1.82
C ARG B 326 14.83 -6.87 2.40
N PHE B 327 13.54 -7.08 2.65
CA PHE B 327 12.69 -6.09 3.29
C PHE B 327 13.26 -5.64 4.63
N CYS B 328 13.74 -6.62 5.40
CA CYS B 328 14.25 -6.38 6.75
C CYS B 328 15.70 -5.85 6.77
N GLY B 329 16.37 -5.91 5.62
CA GLY B 329 17.76 -5.51 5.52
C GLY B 329 18.69 -6.64 5.93
N LEU B 330 18.21 -7.87 5.76
CA LEU B 330 18.98 -9.07 6.06
C LEU B 330 19.47 -9.72 4.76
N PRO B 331 20.67 -10.33 4.79
CA PRO B 331 21.24 -10.99 3.62
C PRO B 331 20.35 -12.07 3.04
N GLN B 332 20.32 -12.17 1.71
CA GLN B 332 19.49 -13.16 1.01
C GLN B 332 20.35 -14.26 0.39
N PRO B 333 20.35 -15.46 1.00
CA PRO B 333 21.14 -16.59 0.47
C PRO B 333 20.64 -17.07 -0.90
N GLU B 334 21.59 -17.37 -1.78
CA GLU B 334 21.28 -17.82 -3.15
C GLU B 334 21.40 -19.34 -3.25
N THR B 335 22.50 -19.87 -2.71
CA THR B 335 22.80 -21.31 -2.79
C THR B 335 22.49 -22.04 -1.48
N VAL B 336 22.58 -23.37 -1.53
CA VAL B 336 22.33 -24.22 -0.36
C VAL B 336 23.38 -23.98 0.75
N GLY B 337 24.63 -23.76 0.34
CA GLY B 337 25.72 -23.48 1.28
C GLY B 337 25.50 -22.18 2.04
N GLN B 338 25.06 -21.16 1.32
CA GLN B 338 24.78 -19.84 1.89
C GLN B 338 23.58 -19.88 2.83
N LEU B 339 22.57 -20.69 2.49
CA LEU B 339 21.41 -20.91 3.34
C LEU B 339 21.80 -21.65 4.61
N GLY B 340 22.76 -22.57 4.48
CA GLY B 340 23.32 -23.29 5.61
C GLY B 340 24.02 -22.39 6.60
N THR B 341 24.74 -21.39 6.09
CA THR B 341 25.44 -20.41 6.92
C THR B 341 24.44 -19.51 7.67
N VAL B 342 23.36 -19.13 6.99
CA VAL B 342 22.30 -18.30 7.58
C VAL B 342 21.56 -19.05 8.69
N LEU B 343 21.38 -20.36 8.50
CA LEU B 343 20.63 -21.19 9.44
C LEU B 343 21.48 -21.89 10.49
N ARG B 344 22.81 -21.86 10.30
CA ARG B 344 23.76 -22.64 11.10
C ARG B 344 23.43 -24.14 11.03
N ASN B 345 22.82 -24.54 9.93
CA ASN B 345 22.33 -25.90 9.76
C ASN B 345 22.26 -26.27 8.27
N LEU B 346 23.30 -26.95 7.80
CA LEU B 346 23.38 -27.36 6.40
C LEU B 346 22.39 -28.49 6.08
N LYS B 347 22.13 -29.34 7.08
CA LYS B 347 21.18 -30.45 6.95
C LYS B 347 19.76 -29.93 6.70
N LEU B 348 19.37 -28.89 7.44
CA LEU B 348 18.06 -28.25 7.29
C LEU B 348 17.99 -27.48 5.97
N ALA B 349 19.09 -26.85 5.60
CA ALA B 349 19.19 -26.11 4.35
C ALA B 349 19.02 -27.01 3.13
N ARG B 350 19.54 -28.23 3.21
CA ARG B 350 19.36 -29.23 2.17
C ARG B 350 17.89 -29.61 2.00
N LYS B 351 17.24 -29.96 3.11
CA LYS B 351 15.82 -30.33 3.12
C LYS B 351 14.91 -29.23 2.57
N LEU B 352 15.24 -27.97 2.92
CA LEU B 352 14.52 -26.81 2.40
C LEU B 352 14.74 -26.63 0.90
N MET B 353 15.97 -26.88 0.45
CA MET B 353 16.31 -26.80 -0.97
C MET B 353 15.70 -27.95 -1.78
N GLU B 354 15.51 -29.10 -1.14
CA GLU B 354 14.84 -30.24 -1.77
C GLU B 354 13.39 -29.90 -2.09
N GLN B 355 12.74 -29.20 -1.17
CA GLN B 355 11.34 -28.82 -1.31
C GLN B 355 11.15 -27.62 -2.25
N TYR B 356 11.86 -26.54 -1.97
CA TYR B 356 11.61 -25.25 -2.64
C TYR B 356 12.42 -24.97 -3.90
N GLY B 357 13.63 -25.53 -3.96
CA GLY B 357 14.52 -25.32 -5.11
C GLY B 357 15.33 -24.03 -5.03
N THR B 358 14.79 -23.03 -4.34
CA THR B 358 15.44 -21.74 -4.14
C THR B 358 14.97 -21.10 -2.82
N PRO B 359 15.89 -20.40 -2.12
CA PRO B 359 15.50 -19.67 -0.91
C PRO B 359 14.50 -18.54 -1.17
N ASN B 360 14.28 -18.22 -2.45
CA ASN B 360 13.28 -17.23 -2.86
C ASN B 360 11.85 -17.75 -2.67
N ASN B 361 11.68 -19.07 -2.75
CA ASN B 361 10.36 -19.69 -2.73
C ASN B 361 9.87 -20.19 -1.37
N ILE B 362 10.76 -20.18 -0.38
CA ILE B 362 10.41 -20.65 0.97
C ILE B 362 9.30 -19.79 1.58
N ASP B 363 8.23 -20.46 2.03
CA ASP B 363 7.11 -19.78 2.67
C ASP B 363 7.57 -19.03 3.92
N ILE B 364 6.99 -17.84 4.14
CA ILE B 364 7.42 -16.93 5.20
C ILE B 364 7.46 -17.58 6.60
N TRP B 365 6.42 -18.34 6.93
CA TRP B 365 6.37 -19.03 8.22
C TRP B 365 7.47 -20.08 8.32
N MET B 366 7.65 -20.86 7.26
CA MET B 366 8.64 -21.94 7.22
C MET B 366 10.05 -21.40 7.42
N GLY B 367 10.45 -20.44 6.59
CA GLY B 367 11.79 -19.83 6.68
C GLY B 367 12.00 -19.02 7.95
N GLY B 368 10.90 -18.47 8.48
CA GLY B 368 10.94 -17.69 9.71
C GLY B 368 11.26 -18.53 10.93
N VAL B 369 10.52 -19.63 11.11
CA VAL B 369 10.71 -20.51 12.25
C VAL B 369 11.97 -21.38 12.15
N SER B 370 12.51 -21.48 10.93
CA SER B 370 13.71 -22.27 10.67
C SER B 370 14.99 -21.60 11.17
N GLU B 371 14.96 -20.27 11.25
CA GLU B 371 16.12 -19.49 11.69
C GLU B 371 16.45 -19.75 13.16
N PRO B 372 17.75 -19.89 13.48
CA PRO B 372 18.20 -19.98 14.87
C PRO B 372 17.74 -18.78 15.68
N LEU B 373 17.29 -19.04 16.91
CA LEU B 373 16.70 -18.01 17.75
C LEU B 373 17.76 -17.01 18.23
N LYS B 374 17.34 -15.76 18.39
CA LYS B 374 18.19 -14.72 18.94
C LYS B 374 18.47 -14.96 20.42
N ARG B 375 19.62 -14.49 20.89
CA ARG B 375 20.03 -14.70 22.27
C ARG B 375 18.99 -14.11 23.24
N LYS B 376 18.50 -14.96 24.13
CA LYS B 376 17.45 -14.63 25.09
C LYS B 376 16.10 -14.26 24.44
N GLY B 377 15.94 -14.64 23.17
CA GLY B 377 14.69 -14.47 22.43
C GLY B 377 14.20 -15.79 21.90
N ARG B 378 12.98 -15.81 21.38
CA ARG B 378 12.39 -17.05 20.85
C ARG B 378 12.04 -16.98 19.36
N VAL B 379 12.62 -16.00 18.67
CA VAL B 379 12.51 -15.88 17.22
C VAL B 379 13.86 -15.58 16.57
N GLY B 380 13.99 -15.92 15.29
CA GLY B 380 15.18 -15.58 14.51
C GLY B 380 15.18 -14.11 14.10
N PRO B 381 16.25 -13.67 13.41
CA PRO B 381 16.39 -12.27 12.97
C PRO B 381 15.22 -11.77 12.12
N LEU B 382 14.71 -12.63 11.24
CA LEU B 382 13.62 -12.25 10.32
C LEU B 382 12.28 -12.03 11.03
N LEU B 383 11.89 -12.99 11.86
CA LEU B 383 10.63 -12.90 12.60
C LEU B 383 10.65 -11.74 13.59
N ALA B 384 11.80 -11.55 14.24
CA ALA B 384 12.01 -10.44 15.17
C ALA B 384 11.77 -9.09 14.48
N CYS B 385 12.21 -9.00 13.22
CA CYS B 385 12.03 -7.80 12.42
C CYS B 385 10.55 -7.50 12.14
N ILE B 386 9.83 -8.50 11.66
CA ILE B 386 8.42 -8.36 11.29
C ILE B 386 7.53 -8.11 12.52
N ILE B 387 7.73 -8.93 13.56
CA ILE B 387 6.99 -8.81 14.81
C ILE B 387 7.31 -7.47 15.50
N GLY B 388 8.59 -7.12 15.51
CA GLY B 388 9.06 -5.87 16.13
C GLY B 388 8.56 -4.62 15.45
N THR B 389 8.61 -4.61 14.11
CA THR B 389 8.13 -3.47 13.32
C THR B 389 6.63 -3.26 13.51
N GLN B 390 5.88 -4.36 13.57
CA GLN B 390 4.43 -4.30 13.76
C GLN B 390 4.03 -3.69 15.11
N PHE B 391 4.61 -4.21 16.19
CA PHE B 391 4.24 -3.77 17.55
C PHE B 391 4.61 -2.32 17.87
N ARG B 392 5.61 -1.78 17.18
CA ARG B 392 5.95 -0.36 17.33
C ARG B 392 4.89 0.52 16.68
N LYS B 393 4.39 0.08 15.53
CA LYS B 393 3.33 0.78 14.81
C LYS B 393 2.02 0.79 15.60
N LEU B 394 1.80 -0.30 16.35
CA LEU B 394 0.63 -0.43 17.22
C LEU B 394 0.76 0.43 18.47
N ARG B 395 1.99 0.75 18.84
CA ARG B 395 2.28 1.56 20.01
C ARG B 395 2.29 3.05 19.66
N ASP B 396 3.13 3.43 18.70
CA ASP B 396 3.32 4.83 18.32
C ASP B 396 2.15 5.40 17.52
N GLY B 397 1.39 4.53 16.87
CA GLY B 397 0.24 4.94 16.07
C GLY B 397 -1.08 4.83 16.80
N ASP B 398 -1.01 4.69 18.12
CA ASP B 398 -2.20 4.57 18.97
C ASP B 398 -2.38 5.81 19.84
N ARG B 399 -3.45 6.54 19.59
CA ARG B 399 -3.76 7.77 20.33
C ARG B 399 -4.13 7.47 21.78
N PHE B 400 -4.72 6.30 22.01
CA PHE B 400 -5.13 5.90 23.36
C PHE B 400 -4.14 4.96 24.04
N TRP B 401 -2.86 5.04 23.64
CA TRP B 401 -1.80 4.33 24.32
C TRP B 401 -1.69 4.86 25.75
N TRP B 402 -1.52 3.95 26.71
CA TRP B 402 -1.62 4.30 28.14
C TRP B 402 -0.62 5.35 28.62
N GLU B 403 0.55 5.40 27.98
CA GLU B 403 1.60 6.35 28.33
C GLU B 403 1.41 7.72 27.69
N ASN B 404 0.54 7.79 26.69
CA ASN B 404 0.30 9.03 25.95
C ASN B 404 -0.32 10.13 26.80
N GLU B 405 0.14 11.36 26.58
CA GLU B 405 -0.34 12.54 27.31
C GLU B 405 -1.84 12.75 27.09
N GLY B 406 -2.61 12.76 28.18
CA GLY B 406 -4.04 13.00 28.12
C GLY B 406 -4.92 11.77 28.27
N VAL B 407 -4.32 10.60 28.15
CA VAL B 407 -5.06 9.33 28.30
C VAL B 407 -5.26 9.01 29.78
N PHE B 408 -4.18 9.10 30.57
CA PHE B 408 -4.22 8.94 32.01
C PHE B 408 -3.47 10.07 32.69
N SER B 409 -3.80 10.33 33.96
CA SER B 409 -3.06 11.29 34.77
C SER B 409 -1.74 10.68 35.24
N MET B 410 -0.85 11.52 35.79
CA MET B 410 0.46 11.07 36.24
C MET B 410 0.39 9.98 37.30
N GLN B 411 -0.47 10.18 38.30
CA GLN B 411 -0.66 9.20 39.38
C GLN B 411 -1.37 7.93 38.91
N GLN B 412 -2.19 8.06 37.86
CA GLN B 412 -2.88 6.91 37.27
C GLN B 412 -1.89 5.98 36.56
N ARG B 413 -0.96 6.57 35.80
CA ARG B 413 0.10 5.81 35.13
C ARG B 413 1.05 5.17 36.14
N GLN B 414 1.33 5.91 37.22
CA GLN B 414 2.22 5.45 38.28
C GLN B 414 1.62 4.26 39.04
N ALA B 415 0.30 4.23 39.11
CA ALA B 415 -0.42 3.11 39.73
C ALA B 415 -0.58 1.94 38.77
N LEU B 416 -0.81 2.25 37.49
CA LEU B 416 -0.95 1.24 36.45
C LEU B 416 0.33 0.47 36.17
N ALA B 417 1.47 1.10 36.42
CA ALA B 417 2.78 0.47 36.23
C ALA B 417 3.02 -0.68 37.21
N GLN B 418 2.22 -0.74 38.27
CA GLN B 418 2.36 -1.74 39.33
C GLN B 418 1.63 -3.05 39.02
N ILE B 419 0.86 -3.07 37.93
CA ILE B 419 0.07 -4.25 37.58
C ILE B 419 0.92 -5.39 36.99
N SER B 420 0.47 -6.62 37.20
CA SER B 420 1.13 -7.80 36.66
C SER B 420 0.13 -8.93 36.44
N LEU B 421 0.44 -9.83 35.52
CA LEU B 421 -0.41 -10.99 35.22
C LEU B 421 -0.61 -11.94 36.42
N PRO B 422 0.47 -12.25 37.18
CA PRO B 422 0.30 -13.04 38.40
C PRO B 422 -0.68 -12.42 39.40
N ARG B 423 -0.68 -11.09 39.49
CA ARG B 423 -1.58 -10.38 40.41
C ARG B 423 -3.04 -10.45 39.95
N ILE B 424 -3.24 -10.37 38.63
CA ILE B 424 -4.58 -10.52 38.04
C ILE B 424 -5.15 -11.90 38.35
N ILE B 425 -4.29 -12.91 38.33
CA ILE B 425 -4.66 -14.27 38.69
C ILE B 425 -5.05 -14.35 40.17
N CYS B 426 -4.26 -13.70 41.03
CA CYS B 426 -4.54 -13.65 42.48
C CYS B 426 -5.92 -13.03 42.78
N ASP B 427 -6.23 -11.94 42.09
CA ASP B 427 -7.43 -11.16 42.35
C ASP B 427 -8.73 -11.80 41.82
N ASN B 428 -8.60 -12.72 40.88
CA ASN B 428 -9.77 -13.25 40.18
C ASN B 428 -9.97 -14.77 40.24
N THR B 429 -9.03 -15.48 40.87
CA THR B 429 -9.13 -16.93 41.02
C THR B 429 -8.98 -17.35 42.48
N GLY B 430 -9.08 -18.65 42.74
CA GLY B 430 -8.86 -19.21 44.07
C GLY B 430 -7.42 -19.64 44.29
N ILE B 431 -6.54 -19.26 43.37
CA ILE B 431 -5.12 -19.57 43.46
C ILE B 431 -4.42 -18.58 44.39
N THR B 432 -3.68 -19.10 45.36
CA THR B 432 -3.01 -18.28 46.37
C THR B 432 -1.48 -18.22 46.17
N THR B 433 -0.96 -19.06 45.29
CA THR B 433 0.47 -19.09 44.98
C THR B 433 0.68 -18.97 43.46
N VAL B 434 1.33 -17.90 43.04
CA VAL B 434 1.55 -17.61 41.61
C VAL B 434 3.03 -17.41 41.26
N SER B 435 3.30 -17.29 39.96
CA SER B 435 4.66 -17.18 39.43
C SER B 435 5.33 -15.84 39.78
N LYS B 436 6.64 -15.90 39.98
CA LYS B 436 7.47 -14.70 40.13
C LYS B 436 7.60 -14.01 38.78
N ASN B 437 7.76 -12.69 38.80
CA ASN B 437 8.06 -11.93 37.59
C ASN B 437 9.50 -12.18 37.15
N ASN B 438 9.74 -12.46 35.87
CA ASN B 438 8.74 -12.49 34.82
C ASN B 438 7.92 -13.78 34.80
N ILE B 439 6.60 -13.65 34.65
CA ILE B 439 5.68 -14.79 34.61
C ILE B 439 5.94 -15.71 33.40
N PHE B 440 6.36 -15.11 32.28
CA PHE B 440 6.64 -15.87 31.06
C PHE B 440 7.98 -16.61 31.12
N MET B 441 8.79 -16.31 32.14
CA MET B 441 10.07 -16.97 32.34
C MET B 441 9.97 -18.03 33.45
N SER B 442 9.21 -17.72 34.49
CA SER B 442 9.00 -18.62 35.62
C SER B 442 8.17 -19.83 35.21
N ASN B 443 8.74 -21.02 35.37
CA ASN B 443 8.10 -22.25 34.90
C ASN B 443 8.24 -23.48 35.81
N SER B 444 8.94 -23.32 36.93
CA SER B 444 9.20 -24.45 37.84
C SER B 444 8.69 -24.19 39.25
N TYR B 445 8.01 -25.20 39.81
CA TYR B 445 7.49 -25.14 41.17
C TYR B 445 8.35 -25.99 42.10
N PRO B 446 8.61 -25.50 43.35
CA PRO B 446 8.18 -24.23 43.92
C PRO B 446 9.25 -23.12 43.82
N ARG B 447 10.26 -23.34 43.00
CA ARG B 447 11.41 -22.44 42.87
C ARG B 447 11.02 -21.05 42.36
N ASP B 448 10.08 -21.00 41.41
CA ASP B 448 9.71 -19.74 40.75
C ASP B 448 8.34 -19.21 41.19
N PHE B 449 7.93 -19.53 42.41
CA PHE B 449 6.59 -19.19 42.89
C PHE B 449 6.57 -18.48 44.25
N VAL B 450 5.65 -17.51 44.38
CA VAL B 450 5.45 -16.78 45.63
C VAL B 450 3.96 -16.65 45.98
N ASN B 451 3.67 -16.35 47.24
CA ASN B 451 2.30 -16.16 47.70
C ASN B 451 1.71 -14.82 47.26
N CYS B 452 0.38 -14.77 47.13
CA CYS B 452 -0.33 -13.55 46.71
C CYS B 452 -0.24 -12.43 47.74
N SER B 453 0.01 -12.79 49.00
CA SER B 453 0.12 -11.82 50.09
C SER B 453 1.31 -10.86 49.93
N THR B 454 2.37 -11.34 49.28
CA THR B 454 3.57 -10.54 49.03
C THR B 454 3.42 -9.63 47.81
N LEU B 455 2.33 -9.80 47.08
CA LEU B 455 2.07 -9.01 45.87
C LEU B 455 0.91 -8.03 46.08
N PRO B 456 1.19 -6.71 45.97
CA PRO B 456 0.16 -5.69 46.16
C PRO B 456 -0.77 -5.56 44.95
N ALA B 457 -2.05 -5.30 45.22
CA ALA B 457 -3.06 -5.12 44.18
C ALA B 457 -2.99 -3.72 43.58
N LEU B 458 -3.74 -3.50 42.50
CA LEU B 458 -3.83 -2.19 41.86
C LEU B 458 -4.51 -1.17 42.76
N ASN B 459 -3.84 -0.03 42.95
CA ASN B 459 -4.39 1.06 43.76
C ASN B 459 -5.23 2.01 42.91
N LEU B 460 -6.54 1.98 43.13
CA LEU B 460 -7.49 2.79 42.37
C LEU B 460 -7.86 4.10 43.07
N ALA B 461 -6.99 4.56 43.98
CA ALA B 461 -7.21 5.80 44.71
C ALA B 461 -7.18 7.03 43.81
N SER B 462 -6.41 6.94 42.73
CA SER B 462 -6.25 8.05 41.77
C SER B 462 -7.40 8.17 40.77
N TRP B 463 -8.36 7.23 40.84
CA TRP B 463 -9.55 7.27 39.99
C TRP B 463 -10.73 7.97 40.67
N ARG B 464 -10.53 8.38 41.92
CA ARG B 464 -11.53 9.14 42.68
C ARG B 464 -11.80 10.49 42.04
N GLU B 465 -13.07 10.75 41.73
CA GLU B 465 -13.50 12.05 41.21
C GLU B 465 -14.20 12.83 42.31
N ALA B 466 -13.40 13.42 43.21
CA ALA B 466 -13.90 14.16 44.36
C ALA B 466 -14.53 15.49 43.94
N SER B 467 -15.50 15.95 44.56
N THR C 2 1.96 -17.96 -18.72
CA THR C 2 1.55 -17.04 -17.62
C THR C 2 2.53 -15.87 -17.51
N CYS C 3 3.83 -16.20 -17.50
CA CYS C 3 4.92 -15.25 -17.73
C CYS C 3 6.04 -16.01 -18.42
N PRO C 4 6.20 -15.81 -19.74
CA PRO C 4 7.16 -16.59 -20.55
C PRO C 4 8.56 -16.57 -19.94
N GLU C 5 9.13 -17.76 -19.73
CA GLU C 5 10.45 -17.91 -19.08
C GLU C 5 11.51 -16.98 -19.65
N GLN C 6 11.47 -16.77 -20.96
CA GLN C 6 12.36 -15.83 -21.62
C GLN C 6 11.61 -15.00 -22.65
N ASP C 7 11.89 -13.69 -22.64
CA ASP C 7 11.28 -12.74 -23.59
C ASP C 7 12.32 -11.76 -24.14
N LYS C 8 12.07 -11.25 -25.34
CA LYS C 8 12.97 -10.27 -25.96
C LYS C 8 12.47 -8.83 -25.84
N TYR C 9 11.15 -8.66 -25.85
CA TYR C 9 10.55 -7.33 -25.91
C TYR C 9 9.55 -7.07 -24.79
N ARG C 10 9.18 -5.80 -24.64
CA ARG C 10 8.13 -5.39 -23.70
C ARG C 10 6.76 -5.84 -24.18
N THR C 11 5.88 -6.12 -23.24
CA THR C 11 4.46 -6.31 -23.54
C THR C 11 3.80 -4.93 -23.63
N ILE C 12 2.72 -4.83 -24.39
CA ILE C 12 1.99 -3.57 -24.56
C ILE C 12 1.36 -3.11 -23.24
N THR C 13 0.79 -4.06 -22.50
CA THR C 13 0.14 -3.77 -21.22
C THR C 13 1.14 -3.44 -20.12
N GLY C 14 2.34 -3.98 -20.23
CA GLY C 14 3.36 -3.83 -19.19
C GLY C 14 3.44 -5.05 -18.29
N MET C 15 2.73 -6.11 -18.67
CA MET C 15 2.69 -7.37 -17.94
C MET C 15 4.06 -8.05 -17.97
N CYS C 16 4.33 -8.86 -16.94
CA CYS C 16 5.55 -9.68 -16.83
C CYS C 16 6.88 -8.90 -16.84
N ASN C 17 6.81 -7.58 -16.69
CA ASN C 17 8.03 -6.77 -16.54
C ASN C 17 8.71 -7.13 -15.22
N ASN C 18 7.91 -7.17 -14.15
CA ASN C 18 8.34 -7.73 -12.87
C ASN C 18 7.79 -9.14 -12.78
N ARG C 19 8.69 -10.12 -12.71
CA ARG C 19 8.28 -11.53 -12.78
C ARG C 19 7.65 -12.08 -11.50
N ARG C 20 8.07 -11.55 -10.34
CA ARG C 20 7.49 -11.97 -9.07
C ARG C 20 6.07 -11.43 -8.90
N SER C 21 5.86 -10.18 -9.32
CA SER C 21 4.52 -9.56 -9.34
C SER C 21 4.26 -8.93 -10.72
N PRO C 22 3.65 -9.70 -11.64
CA PRO C 22 3.46 -9.36 -13.06
C PRO C 22 2.61 -8.12 -13.37
N THR C 23 1.78 -7.70 -12.41
CA THR C 23 0.87 -6.57 -12.63
C THR C 23 1.50 -5.22 -12.30
N LEU C 24 2.67 -5.25 -11.67
CA LEU C 24 3.37 -4.02 -11.27
C LEU C 24 3.81 -3.21 -12.48
N GLY C 25 3.30 -2.00 -12.59
CA GLY C 25 3.63 -1.11 -13.70
C GLY C 25 2.72 -1.29 -14.91
N ALA C 26 1.95 -2.38 -14.90
CA ALA C 26 1.01 -2.67 -15.98
C ALA C 26 -0.17 -1.71 -16.01
N SER C 27 -0.78 -1.57 -17.18
CA SER C 27 -1.90 -0.66 -17.38
C SER C 27 -3.18 -1.16 -16.71
N ASN C 28 -4.08 -0.21 -16.42
CA ASN C 28 -5.39 -0.47 -15.80
C ASN C 28 -5.32 -1.16 -14.43
N ARG C 29 -4.37 -0.73 -13.62
CA ARG C 29 -4.23 -1.20 -12.25
C ARG C 29 -4.23 -0.01 -11.29
N ALA C 30 -4.57 -0.27 -10.03
CA ALA C 30 -4.62 0.78 -9.01
C ALA C 30 -3.25 1.42 -8.74
N PHE C 31 -3.27 2.72 -8.45
CA PHE C 31 -2.06 3.43 -8.04
C PHE C 31 -1.52 2.89 -6.73
N VAL C 32 -0.21 2.94 -6.56
CA VAL C 32 0.41 2.64 -5.28
C VAL C 32 0.32 3.90 -4.40
N ARG C 33 0.12 3.70 -3.10
CA ARG C 33 0.05 4.80 -2.15
C ARG C 33 1.34 4.84 -1.31
N TRP C 34 1.95 6.03 -1.25
CA TRP C 34 3.09 6.24 -0.35
C TRP C 34 2.63 6.72 1.01
N LEU C 35 1.41 7.26 1.06
CA LEU C 35 0.76 7.66 2.31
C LEU C 35 -0.70 7.20 2.34
N PRO C 36 -1.21 6.84 3.54
CA PRO C 36 -2.63 6.51 3.68
C PRO C 36 -3.53 7.67 3.27
N ALA C 37 -4.62 7.36 2.58
CA ALA C 37 -5.52 8.37 2.03
C ALA C 37 -6.28 9.15 3.10
N GLU C 38 -6.50 10.43 2.84
CA GLU C 38 -7.24 11.30 3.76
C GLU C 38 -8.58 11.70 3.16
N TYR C 39 -9.64 11.08 3.65
CA TYR C 39 -11.01 11.33 3.18
C TYR C 39 -11.90 11.87 4.29
N GLU C 40 -12.96 12.58 3.88
CA GLU C 40 -13.91 13.20 4.80
C GLU C 40 -14.60 12.18 5.70
N ASP C 41 -15.05 11.07 5.12
CA ASP C 41 -15.69 9.98 5.87
C ASP C 41 -14.67 8.92 6.29
N GLY C 42 -13.47 9.01 5.73
CA GLY C 42 -12.37 8.10 6.05
C GLY C 42 -12.00 7.13 4.94
N PHE C 43 -12.92 6.90 4.02
CA PHE C 43 -12.71 5.90 2.98
C PHE C 43 -13.11 6.30 1.55
N SER C 44 -13.98 7.31 1.41
CA SER C 44 -14.54 7.63 0.09
C SER C 44 -14.73 9.12 -0.22
N LEU C 45 -15.40 9.84 0.66
CA LEU C 45 -15.78 11.23 0.40
C LEU C 45 -14.60 12.20 0.50
N PRO C 46 -14.42 13.07 -0.51
CA PRO C 46 -13.32 14.04 -0.52
C PRO C 46 -13.59 15.22 0.40
N TYR C 47 -12.55 15.97 0.75
CA TYR C 47 -12.73 17.17 1.57
C TYR C 47 -13.33 18.31 0.75
N GLY C 48 -14.38 18.91 1.29
CA GLY C 48 -15.14 19.93 0.58
C GLY C 48 -16.46 19.39 0.06
N TRP C 49 -16.73 18.12 0.38
CA TRP C 49 -17.96 17.45 -0.05
C TRP C 49 -19.15 17.95 0.77
N THR C 50 -19.11 17.70 2.08
CA THR C 50 -20.17 18.13 2.99
C THR C 50 -19.85 19.52 3.54
N PRO C 51 -20.80 20.48 3.39
CA PRO C 51 -20.60 21.84 3.88
C PRO C 51 -20.49 21.88 5.40
N GLY C 52 -19.53 22.65 5.90
CA GLY C 52 -19.33 22.83 7.34
C GLY C 52 -18.39 21.85 8.00
N VAL C 53 -18.02 20.80 7.28
CA VAL C 53 -17.09 19.78 7.80
C VAL C 53 -15.65 20.27 7.66
N LYS C 54 -14.99 20.44 8.80
CA LYS C 54 -13.63 20.98 8.86
C LYS C 54 -12.58 19.90 8.60
N ARG C 55 -11.51 20.29 7.92
CA ARG C 55 -10.34 19.43 7.77
C ARG C 55 -9.30 19.83 8.80
N ASN C 56 -8.93 18.88 9.66
CA ASN C 56 -7.90 19.08 10.68
C ASN C 56 -8.14 20.32 11.56
N GLY C 57 -9.41 20.59 11.86
CA GLY C 57 -9.80 21.71 12.72
C GLY C 57 -10.02 23.04 12.00
N PHE C 58 -9.80 23.05 10.69
CA PHE C 58 -9.93 24.27 9.89
C PHE C 58 -10.89 24.10 8.73
N PRO C 59 -11.62 25.17 8.35
CA PRO C 59 -12.55 25.11 7.22
C PRO C 59 -11.82 24.87 5.90
N VAL C 60 -12.43 24.06 5.04
CA VAL C 60 -11.86 23.74 3.73
C VAL C 60 -12.07 24.91 2.76
N ALA C 61 -10.96 25.43 2.24
CA ALA C 61 -11.00 26.53 1.28
C ALA C 61 -11.41 26.02 -0.10
N LEU C 62 -12.17 26.85 -0.82
CA LEU C 62 -12.57 26.55 -2.18
C LEU C 62 -11.36 26.58 -3.11
N ALA C 63 -11.22 25.55 -3.94
CA ALA C 63 -10.08 25.43 -4.86
C ALA C 63 -9.97 26.62 -5.83
N ARG C 64 -11.12 27.12 -6.26
CA ARG C 64 -11.18 28.31 -7.11
C ARG C 64 -10.76 29.58 -6.36
N ALA C 65 -11.14 29.67 -5.09
CA ALA C 65 -10.79 30.81 -4.24
C ALA C 65 -9.29 30.87 -3.97
N VAL C 66 -8.67 29.70 -3.79
CA VAL C 66 -7.23 29.59 -3.60
C VAL C 66 -6.49 30.00 -4.88
N SER C 67 -7.07 29.63 -6.01
CA SER C 67 -6.53 30.00 -7.32
C SER C 67 -6.61 31.52 -7.55
N ASN C 68 -7.70 32.13 -7.08
CA ASN C 68 -7.92 33.57 -7.24
C ASN C 68 -6.95 34.45 -6.46
N GLU C 69 -6.56 34.00 -5.27
CA GLU C 69 -5.76 34.82 -4.37
C GLU C 69 -4.26 34.56 -4.45
N ILE C 70 -3.89 33.34 -4.86
CA ILE C 70 -2.49 32.91 -4.82
C ILE C 70 -1.91 32.68 -6.22
N VAL C 71 -2.64 31.95 -7.07
CA VAL C 71 -2.16 31.59 -8.41
C VAL C 71 -2.25 32.77 -9.40
N ARG C 72 -3.32 33.55 -9.28
CA ARG C 72 -3.61 34.66 -10.20
C ARG C 72 -2.50 35.72 -10.25
N PHE C 73 -2.16 36.15 -11.47
CA PHE C 73 -1.21 37.23 -11.71
C PHE C 73 -1.43 37.87 -13.09
N PRO C 74 -1.08 39.17 -13.25
CA PRO C 74 -1.21 39.86 -14.55
C PRO C 74 -0.33 39.25 -15.63
N THR C 75 -0.95 38.88 -16.76
CA THR C 75 -0.28 38.15 -17.84
C THR C 75 0.91 38.94 -18.46
N ASP C 76 0.74 40.25 -18.60
CA ASP C 76 1.75 41.10 -19.22
C ASP C 76 3.01 41.31 -18.37
N GLN C 77 2.99 40.80 -17.14
CA GLN C 77 4.13 40.92 -16.22
C GLN C 77 4.96 39.64 -16.14
N LEU C 78 4.60 38.65 -16.96
CA LEU C 78 5.25 37.33 -17.01
C LEU C 78 6.77 37.44 -17.11
N THR C 79 7.47 36.59 -16.33
CA THR C 79 8.92 36.52 -16.37
C THR C 79 9.39 35.33 -17.21
N PRO C 80 10.03 35.62 -18.36
CA PRO C 80 10.58 34.57 -19.21
C PRO C 80 11.77 33.86 -18.54
N ASP C 81 11.83 32.54 -18.70
CA ASP C 81 12.94 31.76 -18.16
C ASP C 81 14.14 31.89 -19.06
N GLN C 82 15.22 32.44 -18.50
CA GLN C 82 16.45 32.67 -19.26
C GLN C 82 17.22 31.39 -19.55
N GLU C 83 17.00 30.36 -18.73
CA GLU C 83 17.77 29.12 -18.81
C GLU C 83 16.93 27.90 -19.21
N ARG C 84 15.69 28.13 -19.64
CA ARG C 84 14.83 27.04 -20.11
C ARG C 84 14.08 27.41 -21.39
N SER C 85 13.96 26.43 -22.28
CA SER C 85 13.15 26.57 -23.49
C SER C 85 11.73 26.11 -23.22
N LEU C 86 10.82 26.43 -24.14
CA LEU C 86 9.45 25.95 -24.06
C LEU C 86 9.39 24.43 -24.32
N MET C 87 10.45 23.90 -24.92
CA MET C 87 10.63 22.47 -25.13
C MET C 87 10.79 21.73 -23.79
N PHE C 88 11.34 22.43 -22.80
CA PHE C 88 11.46 21.90 -21.44
C PHE C 88 10.08 21.66 -20.82
N MET C 89 9.14 22.55 -21.13
CA MET C 89 7.75 22.38 -20.73
C MET C 89 7.11 21.23 -21.50
N GLN C 90 7.23 21.27 -22.83
CA GLN C 90 6.50 20.37 -23.71
C GLN C 90 6.89 18.90 -23.57
N TRP C 91 8.18 18.66 -23.31
CA TRP C 91 8.66 17.29 -23.06
C TRP C 91 8.05 16.74 -21.78
N GLY C 92 7.90 17.60 -20.78
CA GLY C 92 7.30 17.21 -19.50
C GLY C 92 5.91 16.62 -19.65
N GLN C 93 5.06 17.31 -20.41
CA GLN C 93 3.69 16.82 -20.69
C GLN C 93 3.72 15.53 -21.49
N LEU C 94 4.59 15.47 -22.50
CA LEU C 94 4.76 14.26 -23.31
C LEU C 94 5.21 13.08 -22.45
N LEU C 95 6.15 13.35 -21.55
CA LEU C 95 6.66 12.35 -20.62
C LEU C 95 5.58 11.91 -19.63
N ASP C 96 4.80 12.88 -19.15
CA ASP C 96 3.68 12.60 -18.24
C ASP C 96 2.67 11.66 -18.89
N HIS C 97 2.49 11.81 -20.20
CA HIS C 97 1.53 11.01 -20.96
C HIS C 97 2.07 9.62 -21.30
N ASP C 98 3.32 9.38 -20.90
CA ASP C 98 3.93 8.06 -20.96
C ASP C 98 3.68 7.33 -19.64
N LEU C 99 3.55 8.11 -18.56
CA LEU C 99 3.54 7.56 -17.20
C LEU C 99 2.16 7.28 -16.63
N ASP C 100 1.26 8.27 -16.70
CA ASP C 100 -0.05 8.14 -16.05
C ASP C 100 -1.21 8.85 -16.76
N PHE C 101 -2.36 8.17 -16.80
CA PHE C 101 -3.64 8.76 -17.17
C PHE C 101 -4.72 8.24 -16.22
N THR C 102 -5.36 9.14 -15.49
CA THR C 102 -6.39 8.78 -14.53
C THR C 102 -7.77 8.93 -15.16
N PRO C 103 -8.44 7.80 -15.46
CA PRO C 103 -9.72 7.84 -16.18
C PRO C 103 -10.89 8.37 -15.35
N GLU C 104 -11.89 8.90 -16.06
CA GLU C 104 -13.14 9.39 -15.47
C GLU C 104 -14.31 8.63 -16.09
N PRO C 105 -15.47 8.62 -15.41
CA PRO C 105 -16.67 8.11 -16.06
C PRO C 105 -17.19 9.09 -17.12
N ALA C 106 -17.69 8.55 -18.23
CA ALA C 106 -18.21 9.36 -19.32
C ALA C 106 -19.63 9.87 -19.05
N ALA C 107 -20.18 10.62 -20.00
CA ALA C 107 -21.55 11.11 -19.94
C ALA C 107 -22.55 9.98 -19.72
N ARG C 108 -23.52 10.21 -18.83
CA ARG C 108 -24.41 9.17 -18.27
C ARG C 108 -23.64 8.04 -17.58
N ALA C 109 -23.80 6.85 -17.87
N VAL D 1 -25.35 11.57 -15.30
CA VAL D 1 -24.65 12.90 -15.28
C VAL D 1 -25.24 13.83 -16.36
N ASN D 2 -25.26 15.15 -16.15
CA ASN D 2 -24.85 15.90 -14.95
C ASN D 2 -23.53 16.67 -15.03
N CYS D 3 -22.43 16.07 -14.57
CA CYS D 3 -21.19 16.80 -14.25
C CYS D 3 -20.76 17.91 -15.21
N GLU D 4 -20.98 17.72 -16.52
CA GLU D 4 -20.57 18.73 -17.51
C GLU D 4 -21.56 19.89 -17.63
N THR D 5 -22.84 19.63 -17.35
CA THR D 5 -23.90 20.64 -17.51
C THR D 5 -24.68 20.91 -16.22
N SER D 6 -24.29 20.28 -15.12
CA SER D 6 -24.98 20.42 -13.85
C SER D 6 -24.05 20.84 -12.71
N CYS D 7 -24.62 21.51 -11.71
CA CYS D 7 -23.87 21.99 -10.55
C CYS D 7 -24.28 21.31 -9.25
N VAL D 8 -25.24 20.38 -9.34
CA VAL D 8 -25.69 19.61 -8.18
C VAL D 8 -24.63 18.58 -7.81
N GLN D 9 -24.29 18.52 -6.53
CA GLN D 9 -23.28 17.58 -6.04
C GLN D 9 -23.86 16.19 -5.78
N GLN D 10 -23.88 15.38 -6.84
CA GLN D 10 -24.27 13.98 -6.77
C GLN D 10 -23.11 13.17 -7.35
N PRO D 11 -22.87 11.95 -6.82
CA PRO D 11 -21.88 11.06 -7.44
C PRO D 11 -22.21 10.80 -8.92
N PRO D 12 -21.18 10.80 -9.79
CA PRO D 12 -19.76 11.00 -9.51
C PRO D 12 -19.28 12.44 -9.74
N CYS D 13 -20.18 13.41 -9.62
CA CYS D 13 -19.81 14.82 -9.79
C CYS D 13 -19.29 15.43 -8.50
N PHE D 14 -18.22 16.21 -8.63
CA PHE D 14 -17.66 16.96 -7.50
C PHE D 14 -17.27 18.36 -7.99
N PRO D 15 -18.27 19.18 -8.40
CA PRO D 15 -18.01 20.46 -9.04
C PRO D 15 -17.39 21.49 -8.11
N LEU D 16 -16.63 22.41 -8.68
CA LEU D 16 -15.98 23.46 -7.91
C LEU D 16 -16.93 24.64 -7.73
N LYS D 17 -17.21 24.99 -6.48
CA LYS D 17 -18.10 26.11 -6.16
C LYS D 17 -17.41 27.44 -6.44
N ILE D 18 -18.21 28.48 -6.68
CA ILE D 18 -17.68 29.80 -7.03
C ILE D 18 -17.80 30.75 -5.84
N PRO D 19 -16.67 31.32 -5.40
CA PRO D 19 -16.63 32.23 -4.26
C PRO D 19 -17.24 33.61 -4.58
N PRO D 20 -17.60 34.39 -3.56
CA PRO D 20 -18.04 35.77 -3.80
C PRO D 20 -16.94 36.63 -4.41
N ASN D 21 -17.33 37.59 -5.24
CA ASN D 21 -16.41 38.52 -5.91
C ASN D 21 -15.35 37.83 -6.76
N ASP D 22 -15.77 36.84 -7.54
CA ASP D 22 -14.88 36.13 -8.47
C ASP D 22 -14.56 37.04 -9.66
N PRO D 23 -13.27 37.10 -10.07
CA PRO D 23 -12.82 37.98 -11.16
C PRO D 23 -13.44 37.67 -12.52
N ARG D 24 -13.92 36.45 -12.73
CA ARG D 24 -14.51 36.05 -14.01
C ARG D 24 -15.97 35.59 -13.88
N ILE D 25 -16.21 34.61 -13.02
CA ILE D 25 -17.54 34.03 -12.86
C ILE D 25 -18.33 34.79 -11.80
N LYS D 26 -19.14 35.75 -12.26
CA LYS D 26 -19.90 36.62 -11.37
C LYS D 26 -21.13 35.90 -10.82
N ASN D 27 -21.51 34.81 -11.48
CA ASN D 27 -22.63 33.97 -11.06
C ASN D 27 -22.19 32.93 -10.03
N GLN D 28 -22.65 33.10 -8.79
CA GLN D 28 -22.31 32.18 -7.70
C GLN D 28 -23.07 30.86 -7.77
N ALA D 29 -24.21 30.88 -8.47
CA ALA D 29 -25.02 29.67 -8.68
C ALA D 29 -24.34 28.71 -9.66
N ASP D 30 -23.47 29.27 -10.50
CA ASP D 30 -22.70 28.49 -11.48
C ASP D 30 -21.57 27.71 -10.79
N CYS D 31 -20.88 26.88 -11.57
CA CYS D 31 -19.80 26.05 -11.06
C CYS D 31 -18.81 25.64 -12.16
N ILE D 32 -17.69 25.06 -11.76
CA ILE D 32 -16.72 24.50 -12.69
C ILE D 32 -16.87 22.97 -12.70
N PRO D 33 -17.14 22.39 -13.88
CA PRO D 33 -17.36 20.94 -14.06
C PRO D 33 -16.21 20.08 -13.55
N PHE D 34 -16.55 18.95 -12.95
CA PHE D 34 -15.57 18.04 -12.37
C PHE D 34 -16.15 16.64 -12.20
N PHE D 35 -15.57 15.68 -12.90
CA PHE D 35 -15.89 14.26 -12.72
C PHE D 35 -14.89 13.68 -11.73
N ARG D 36 -15.39 12.94 -10.74
CA ARG D 36 -14.51 12.23 -9.82
C ARG D 36 -13.81 11.09 -10.56
N SER D 37 -12.49 11.00 -10.39
CA SER D 37 -11.72 9.90 -10.95
C SER D 37 -12.29 8.59 -10.41
N PRO D 39 -13.14 4.90 -9.06
CA PRO D 39 -12.40 4.08 -8.11
C PRO D 39 -11.97 2.72 -8.66
N ALA D 40 -10.92 2.15 -8.06
CA ALA D 40 -10.44 0.82 -8.41
C ALA D 40 -11.35 -0.28 -7.86
N CYS D 41 -12.05 0.05 -6.77
CA CYS D 41 -13.05 -0.85 -6.20
C CYS D 41 -14.37 -0.11 -6.02
N PRO D 42 -15.26 -0.19 -7.04
CA PRO D 42 -16.51 0.58 -7.09
C PRO D 42 -17.51 0.23 -5.99
N GLY D 43 -17.97 1.25 -5.28
CA GLY D 43 -19.00 1.11 -4.25
C GLY D 43 -18.65 0.19 -3.10
N SER D 44 -17.42 0.29 -2.62
CA SER D 44 -16.94 -0.59 -1.56
C SER D 44 -16.98 0.08 -0.19
N ASN D 45 -17.52 -0.63 0.79
CA ASN D 45 -17.50 -0.18 2.18
C ASN D 45 -16.18 -0.52 2.87
N ILE D 46 -15.53 -1.58 2.39
CA ILE D 46 -14.34 -2.13 3.04
C ILE D 46 -13.06 -1.37 2.68
N THR D 47 -12.70 -1.35 1.40
CA THR D 47 -11.46 -0.72 0.94
C THR D 47 -11.52 0.81 0.92
N ILE D 48 -10.38 1.45 1.19
CA ILE D 48 -10.25 2.89 1.08
C ILE D 48 -10.10 3.26 -0.40
N ARG D 49 -10.90 4.24 -0.84
CA ARG D 49 -10.94 4.67 -2.23
C ARG D 49 -9.56 4.97 -2.81
N ASN D 50 -9.30 4.38 -3.98
CA ASN D 50 -8.07 4.62 -4.71
C ASN D 50 -8.40 4.78 -6.20
N GLN D 51 -7.47 5.36 -6.95
CA GLN D 51 -7.71 5.63 -8.37
C GLN D 51 -6.90 4.69 -9.28
N ILE D 52 -7.21 4.73 -10.58
CA ILE D 52 -6.64 3.79 -11.54
C ILE D 52 -5.64 4.48 -12.48
N ASN D 53 -4.55 3.79 -12.79
CA ASN D 53 -3.61 4.21 -13.82
C ASN D 53 -3.90 3.43 -15.09
N ALA D 54 -4.33 4.14 -16.13
CA ALA D 54 -4.73 3.52 -17.39
C ALA D 54 -3.56 3.20 -18.32
N LEU D 55 -2.37 3.67 -17.95
CA LEU D 55 -1.18 3.51 -18.79
C LEU D 55 -0.09 2.68 -18.12
N THR D 56 0.93 2.32 -18.90
CA THR D 56 2.12 1.65 -18.37
C THR D 56 2.99 2.68 -17.65
N SER D 57 3.32 2.39 -16.40
CA SER D 57 4.11 3.30 -15.57
C SER D 57 5.51 3.52 -16.15
N PHE D 58 6.04 2.49 -16.80
CA PHE D 58 7.40 2.50 -17.36
C PHE D 58 7.58 3.56 -18.44
N VAL D 59 8.80 4.08 -18.53
CA VAL D 59 9.18 4.99 -19.60
C VAL D 59 9.48 4.12 -20.82
N ASP D 60 8.44 3.83 -21.60
CA ASP D 60 8.53 2.86 -22.68
C ASP D 60 7.88 3.34 -23.99
N ALA D 61 7.72 4.66 -24.11
CA ALA D 61 7.04 5.30 -25.24
C ALA D 61 5.61 4.79 -25.44
N SER D 62 4.90 4.59 -24.32
CA SER D 62 3.52 4.11 -24.34
C SER D 62 2.54 5.15 -24.88
N MET D 63 2.97 6.42 -24.93
CA MET D 63 2.17 7.48 -25.53
C MET D 63 2.17 7.38 -27.05
N VAL D 64 3.09 6.58 -27.59
CA VAL D 64 3.21 6.36 -29.03
C VAL D 64 2.55 5.04 -29.44
N TYR D 65 2.87 3.97 -28.72
CA TYR D 65 2.47 2.62 -29.11
C TYR D 65 1.19 2.13 -28.45
N GLY D 66 0.83 2.71 -27.31
CA GLY D 66 -0.39 2.34 -26.60
C GLY D 66 -0.14 1.48 -25.37
N SER D 67 -1.10 1.45 -24.46
CA SER D 67 -0.99 0.66 -23.24
C SER D 67 -1.96 -0.52 -23.21
N GLU D 68 -2.76 -0.65 -24.27
CA GLU D 68 -3.69 -1.76 -24.43
C GLU D 68 -3.52 -2.40 -25.80
N GLU D 69 -3.68 -3.72 -25.86
CA GLU D 69 -3.41 -4.50 -27.08
C GLU D 69 -4.30 -4.18 -28.28
N PRO D 70 -5.64 -4.01 -28.08
CA PRO D 70 -6.48 -3.63 -29.22
C PRO D 70 -6.09 -2.30 -29.86
N LEU D 71 -5.76 -1.30 -29.03
CA LEU D 71 -5.32 0.00 -29.50
C LEU D 71 -3.95 -0.07 -30.20
N ALA D 72 -3.05 -0.85 -29.61
CA ALA D 72 -1.70 -1.02 -30.16
C ALA D 72 -1.72 -1.65 -31.54
N ARG D 73 -2.65 -2.58 -31.75
CA ARG D 73 -2.83 -3.26 -33.02
C ARG D 73 -3.39 -2.31 -34.08
N ASN D 74 -4.29 -1.42 -33.66
CA ASN D 74 -4.91 -0.44 -34.56
C ASN D 74 -3.96 0.70 -34.98
N LEU D 75 -2.92 0.92 -34.21
CA LEU D 75 -1.94 1.98 -34.49
C LEU D 75 -0.90 1.56 -35.52
N ARG D 76 -0.80 0.26 -35.78
CA ARG D 76 0.20 -0.29 -36.68
C ARG D 76 -0.28 -0.34 -38.12
N ASN D 77 0.66 -0.22 -39.06
CA ASN D 77 0.38 -0.42 -40.48
C ASN D 77 0.31 -1.92 -40.78
N MET D 78 -0.92 -2.44 -40.88
CA MET D 78 -1.15 -3.87 -41.03
C MET D 78 -1.26 -4.32 -42.49
N SER D 79 -0.93 -3.43 -43.42
CA SER D 79 -1.01 -3.73 -44.86
C SER D 79 0.20 -4.49 -45.38
N ASN D 80 1.38 -4.18 -44.84
CA ASN D 80 2.64 -4.76 -45.30
C ASN D 80 3.49 -5.35 -44.17
N GLN D 81 4.67 -5.85 -44.54
CA GLN D 81 5.59 -6.46 -43.58
C GLN D 81 6.76 -5.54 -43.23
N LEU D 82 6.48 -4.24 -43.18
CA LEU D 82 7.51 -3.22 -42.90
C LEU D 82 7.60 -2.81 -41.43
N GLY D 83 6.58 -3.15 -40.65
CA GLY D 83 6.54 -2.86 -39.22
C GLY D 83 6.39 -1.39 -38.88
N LEU D 84 5.72 -0.65 -39.75
CA LEU D 84 5.49 0.78 -39.57
C LEU D 84 4.23 1.04 -38.76
N LEU D 85 4.13 2.26 -38.23
CA LEU D 85 2.91 2.71 -37.58
C LEU D 85 2.02 3.43 -38.59
N ALA D 86 0.71 3.27 -38.43
CA ALA D 86 -0.27 3.86 -39.35
C ALA D 86 -0.13 5.38 -39.42
N VAL D 87 -0.20 5.91 -40.64
CA VAL D 87 -0.08 7.35 -40.88
C VAL D 87 -1.39 7.93 -41.42
N ASN D 88 -1.47 9.26 -41.46
CA ASN D 88 -2.65 9.97 -41.96
C ASN D 88 -2.86 9.70 -43.45
N GLN D 89 -4.10 9.36 -43.81
CA GLN D 89 -4.44 8.98 -45.19
C GLN D 89 -4.95 10.15 -46.03
N ARG D 90 -5.37 11.24 -45.37
CA ARG D 90 -5.95 12.39 -46.05
C ARG D 90 -5.03 13.60 -46.15
N PHE D 91 -4.12 13.76 -45.19
CA PHE D 91 -3.24 14.93 -45.14
C PHE D 91 -1.78 14.61 -44.84
N GLN D 92 -0.90 15.46 -45.35
CA GLN D 92 0.55 15.36 -45.11
C GLN D 92 1.16 16.71 -44.78
N ASP D 93 2.24 16.70 -44.00
CA ASP D 93 2.99 17.91 -43.66
C ASP D 93 4.21 18.04 -44.56
N ASN D 94 4.00 18.68 -45.72
CA ASN D 94 5.04 18.87 -46.75
C ASN D 94 5.70 17.55 -47.16
N GLY D 95 4.86 16.56 -47.48
CA GLY D 95 5.34 15.24 -47.90
C GLY D 95 5.65 14.28 -46.76
N ARG D 96 5.75 14.82 -45.55
CA ARG D 96 6.07 14.02 -44.36
C ARG D 96 4.82 13.56 -43.62
N ALA D 97 4.99 12.53 -42.79
CA ALA D 97 3.89 11.83 -42.14
C ALA D 97 3.17 12.65 -41.07
N LEU D 98 1.88 12.37 -40.90
CA LEU D 98 1.08 12.90 -39.80
C LEU D 98 0.33 11.76 -39.11
N LEU D 99 -0.09 11.99 -37.87
CA LEU D 99 -0.88 11.02 -37.12
C LEU D 99 -2.25 10.82 -37.78
N PRO D 100 -2.78 9.58 -37.78
CA PRO D 100 -4.10 9.35 -38.36
C PRO D 100 -5.22 9.92 -37.49
N PHE D 101 -6.34 10.26 -38.12
CA PHE D 101 -7.50 10.80 -37.41
C PHE D 101 -8.20 9.74 -36.58
N ASP D 102 -8.80 10.15 -35.47
CA ASP D 102 -9.55 9.24 -34.60
C ASP D 102 -11.05 9.33 -34.88
N ASN D 103 -11.73 8.20 -34.76
CA ASN D 103 -13.18 8.13 -34.93
C ASN D 103 -13.89 8.20 -33.58
N LEU D 104 -14.10 9.43 -33.10
CA LEU D 104 -14.76 9.66 -31.81
C LEU D 104 -16.22 10.05 -32.00
N HIS D 105 -17.05 9.68 -31.01
CA HIS D 105 -18.47 10.04 -31.02
C HIS D 105 -18.67 11.54 -30.89
N ASP D 106 -18.19 12.10 -29.78
CA ASP D 106 -18.16 13.54 -29.58
C ASP D 106 -16.72 14.02 -29.71
N ASP D 107 -16.41 14.58 -30.88
CA ASP D 107 -15.06 15.03 -31.20
C ASP D 107 -14.89 16.50 -30.83
N PRO D 108 -14.02 16.78 -29.83
CA PRO D 108 -13.79 18.15 -29.38
C PRO D 108 -12.99 19.00 -30.37
N CYS D 109 -12.15 18.36 -31.18
CA CYS D 109 -11.28 19.04 -32.13
C CYS D 109 -12.05 19.75 -33.26
N LEU D 110 -13.22 19.22 -33.59
CA LEU D 110 -14.09 19.81 -34.61
C LEU D 110 -14.69 21.15 -34.16
N LEU D 111 -14.79 21.33 -32.84
CA LEU D 111 -15.43 22.50 -32.24
C LEU D 111 -14.54 23.75 -32.26
N THR D 112 -13.23 23.55 -32.42
CA THR D 112 -12.25 24.64 -32.43
C THR D 112 -12.37 25.49 -33.69
N ASN D 113 -12.46 24.83 -34.85
CA ASN D 113 -12.75 25.47 -36.12
C ASN D 113 -13.86 24.70 -36.82
N ARG D 114 -15.03 25.33 -36.93
CA ARG D 114 -16.25 24.66 -37.40
C ARG D 114 -16.23 24.34 -38.89
N SER D 115 -15.61 25.21 -39.69
CA SER D 115 -15.57 25.03 -41.14
C SER D 115 -14.36 24.22 -41.61
N ALA D 116 -13.37 24.05 -40.73
CA ALA D 116 -12.15 23.31 -41.06
C ALA D 116 -12.37 21.80 -41.14
N ARG D 117 -13.24 21.29 -40.26
CA ARG D 117 -13.64 19.88 -40.23
C ARG D 117 -12.47 18.91 -39.98
N ILE D 118 -11.57 19.32 -39.09
CA ILE D 118 -10.40 18.49 -38.74
C ILE D 118 -10.58 17.88 -37.35
N PRO D 119 -10.73 16.53 -37.29
CA PRO D 119 -10.93 15.80 -36.04
C PRO D 119 -9.63 15.60 -35.24
N CYS D 120 -9.73 14.92 -34.10
CA CYS D 120 -8.58 14.65 -33.26
C CYS D 120 -7.71 13.53 -33.82
N PHE D 121 -6.44 13.52 -33.42
CA PHE D 121 -5.49 12.52 -33.89
C PHE D 121 -5.56 11.23 -33.06
N LEU D 122 -4.98 10.16 -33.58
CA LEU D 122 -4.93 8.87 -32.92
C LEU D 122 -3.49 8.48 -32.59
N ALA D 123 -3.19 8.38 -31.30
CA ALA D 123 -1.88 7.95 -30.83
C ALA D 123 -2.02 6.98 -29.66
N GLY D 124 -0.90 6.65 -29.02
CA GLY D 124 -0.90 5.74 -27.88
C GLY D 124 -1.60 6.31 -26.65
N ASP D 125 -1.59 7.63 -26.53
CA ASP D 125 -2.31 8.33 -25.48
C ASP D 125 -3.49 9.10 -26.07
N THR D 126 -4.59 9.15 -25.31
CA THR D 126 -5.82 9.79 -25.77
C THR D 126 -5.72 11.32 -25.85
N ARG D 127 -4.76 11.88 -25.14
CA ARG D 127 -4.62 13.33 -25.03
C ARG D 127 -3.71 13.96 -26.09
N SER D 128 -3.38 13.21 -27.13
CA SER D 128 -2.43 13.66 -28.17
C SER D 128 -2.76 15.02 -28.78
N SER D 129 -4.05 15.30 -28.95
CA SER D 129 -4.51 16.53 -29.60
C SER D 129 -4.73 17.71 -28.64
N GLU D 130 -4.51 17.48 -27.35
CA GLU D 130 -4.76 18.49 -26.31
C GLU D 130 -4.23 19.90 -26.67
N MET D 131 -3.01 19.95 -27.19
CA MET D 131 -2.45 21.18 -27.77
C MET D 131 -1.51 20.83 -28.95
N PRO D 132 -1.43 21.71 -29.96
CA PRO D 132 -0.64 21.44 -31.17
C PRO D 132 0.86 21.21 -30.90
N GLU D 133 1.36 21.78 -29.80
CA GLU D 133 2.75 21.57 -29.40
C GLU D 133 2.98 20.11 -28.99
N LEU D 134 2.02 19.55 -28.26
CA LEU D 134 2.05 18.14 -27.87
C LEU D 134 1.90 17.22 -29.07
N THR D 135 1.01 17.61 -29.99
CA THR D 135 0.77 16.88 -31.23
C THR D 135 2.05 16.78 -32.06
N SER D 136 2.78 17.91 -32.15
CA SER D 136 4.04 17.98 -32.87
C SER D 136 5.07 16.98 -32.33
N MET D 137 5.09 16.82 -31.01
CA MET D 137 5.98 15.87 -30.34
C MET D 137 5.56 14.43 -30.63
N HIS D 138 4.26 14.17 -30.63
CA HIS D 138 3.70 12.87 -30.96
C HIS D 138 3.98 12.48 -32.41
N THR D 139 3.84 13.46 -33.30
CA THR D 139 4.08 13.25 -34.73
C THR D 139 5.57 12.99 -34.99
N LEU D 140 6.42 13.72 -34.28
CA LEU D 140 7.87 13.57 -34.39
C LEU D 140 8.32 12.14 -34.05
N LEU D 141 7.74 11.58 -33.01
CA LEU D 141 8.07 10.22 -32.56
C LEU D 141 7.49 9.14 -33.47
N LEU D 142 6.39 9.47 -34.15
CA LEU D 142 5.77 8.57 -35.13
C LEU D 142 6.68 8.41 -36.35
N ARG D 143 7.24 9.54 -36.80
CA ARG D 143 8.14 9.56 -37.97
C ARG D 143 9.46 8.85 -37.67
N GLU D 144 9.95 8.99 -36.45
CA GLU D 144 11.19 8.35 -36.00
C GLU D 144 11.09 6.83 -36.06
N HIS D 145 9.97 6.28 -35.58
CA HIS D 145 9.71 4.85 -35.65
C HIS D 145 9.72 4.36 -37.09
N ASN D 146 9.02 5.09 -37.97
CA ASN D 146 8.97 4.76 -39.39
C ASN D 146 10.32 4.90 -40.10
N ARG D 147 11.13 5.85 -39.63
CA ARG D 147 12.47 6.06 -40.17
C ARG D 147 13.41 4.94 -39.76
N LEU D 148 13.32 4.54 -38.49
CA LEU D 148 14.14 3.45 -37.95
C LEU D 148 13.78 2.10 -38.57
N ALA D 149 12.48 1.84 -38.70
CA ALA D 149 11.99 0.61 -39.32
C ALA D 149 12.41 0.47 -40.78
N THR D 150 12.60 1.62 -41.45
CA THR D 150 13.05 1.64 -42.84
C THR D 150 14.54 1.32 -42.93
N GLU D 151 15.34 1.88 -42.03
CA GLU D 151 16.78 1.63 -41.99
C GLU D 151 17.13 0.21 -41.56
N LEU D 152 16.34 -0.33 -40.62
CA LEU D 152 16.52 -1.70 -40.13
C LEU D 152 16.13 -2.74 -41.19
N LYS D 153 15.24 -2.35 -42.11
CA LYS D 153 14.88 -3.17 -43.26
C LYS D 153 16.05 -3.32 -44.23
N SER D 154 16.83 -2.25 -44.37
CA SER D 154 18.02 -2.24 -45.22
C SER D 154 19.14 -3.10 -44.64
N LEU D 155 19.36 -2.98 -43.33
CA LEU D 155 20.35 -3.78 -42.62
C LEU D 155 19.93 -5.25 -42.58
N ASN D 156 18.64 -5.49 -42.33
CA ASN D 156 18.11 -6.84 -42.20
C ASN D 156 16.86 -7.05 -43.07
N PRO D 157 17.05 -7.52 -44.32
CA PRO D 157 15.94 -7.81 -45.23
C PRO D 157 15.13 -9.05 -44.82
N ARG D 158 15.73 -9.93 -44.02
CA ARG D 158 15.07 -11.15 -43.55
C ARG D 158 14.00 -10.87 -42.50
N TRP D 159 14.15 -9.75 -41.79
CA TRP D 159 13.25 -9.37 -40.70
C TRP D 159 11.83 -9.09 -41.18
N ASP D 160 10.87 -9.80 -40.60
CA ASP D 160 9.45 -9.64 -40.96
C ASP D 160 8.81 -8.44 -40.24
N GLY D 161 7.52 -8.24 -40.47
CA GLY D 161 6.76 -7.11 -39.92
C GLY D 161 6.82 -6.96 -38.41
N GLU D 162 6.63 -8.09 -37.71
CA GLU D 162 6.64 -8.10 -36.24
C GLU D 162 8.01 -7.76 -35.65
N ARG D 163 9.06 -8.37 -36.20
CA ARG D 163 10.44 -8.14 -35.75
C ARG D 163 10.87 -6.69 -35.97
N LEU D 164 10.53 -6.14 -37.13
CA LEU D 164 10.87 -4.76 -37.48
C LEU D 164 10.19 -3.74 -36.55
N TYR D 165 8.93 -4.01 -36.23
CA TYR D 165 8.15 -3.15 -35.33
C TYR D 165 8.70 -3.16 -33.90
N GLN D 166 8.96 -4.36 -33.38
CA GLN D 166 9.41 -4.52 -32.00
C GLN D 166 10.81 -3.96 -31.74
N GLU D 167 11.69 -4.12 -32.73
CA GLU D 167 13.07 -3.61 -32.62
C GLU D 167 13.12 -2.08 -32.70
N ALA D 168 12.26 -1.50 -33.53
CA ALA D 168 12.16 -0.05 -33.65
C ALA D 168 11.50 0.57 -32.42
N ARG D 169 10.50 -0.14 -31.87
CA ARG D 169 9.83 0.24 -30.63
C ARG D 169 10.82 0.24 -29.46
N LYS D 170 11.74 -0.74 -29.48
CA LYS D 170 12.79 -0.86 -28.46
C LYS D 170 13.74 0.34 -28.49
N ILE D 171 14.07 0.80 -29.70
CA ILE D 171 14.97 1.95 -29.89
C ILE D 171 14.30 3.27 -29.45
N VAL D 172 13.07 3.50 -29.93
CA VAL D 172 12.31 4.70 -29.57
C VAL D 172 12.07 4.77 -28.06
N GLY D 173 11.76 3.63 -27.45
CA GLY D 173 11.61 3.53 -26.00
C GLY D 173 12.87 3.91 -25.26
N ALA D 174 14.01 3.45 -25.77
CA ALA D 174 15.32 3.79 -25.21
C ALA D 174 15.63 5.28 -25.39
N MET D 175 15.26 5.82 -26.54
CA MET D 175 15.45 7.24 -26.85
C MET D 175 14.76 8.16 -25.85
N VAL D 176 13.51 7.85 -25.52
CA VAL D 176 12.75 8.63 -24.55
C VAL D 176 13.40 8.57 -23.17
N GLN D 177 13.86 7.38 -22.78
CA GLN D 177 14.56 7.19 -21.50
C GLN D 177 15.81 8.04 -21.39
N ILE D 178 16.63 8.04 -22.43
CA ILE D 178 17.90 8.78 -22.44
C ILE D 178 17.68 10.29 -22.34
N ILE D 179 16.78 10.81 -23.17
CA ILE D 179 16.45 12.24 -23.18
C ILE D 179 15.86 12.69 -21.83
N THR D 180 15.09 11.80 -21.20
CA THR D 180 14.49 12.08 -19.90
C THR D 180 15.53 12.12 -18.77
N TYR D 181 16.33 11.06 -18.65
CA TYR D 181 17.23 10.90 -17.51
C TYR D 181 18.57 11.63 -17.63
N ARG D 182 18.98 11.91 -18.87
CA ARG D 182 20.23 12.62 -19.11
C ARG D 182 20.03 14.11 -19.32
N ASP D 183 19.01 14.46 -20.10
CA ASP D 183 18.78 15.85 -20.51
C ASP D 183 17.72 16.57 -19.69
N TYR D 184 16.58 15.90 -19.45
CA TYR D 184 15.42 16.53 -18.82
C TYR D 184 15.50 16.63 -17.30
N LEU D 185 15.51 15.49 -16.62
CA LEU D 185 15.43 15.43 -15.15
C LEU D 185 16.49 16.23 -14.38
N PRO D 186 17.77 16.23 -14.83
CA PRO D 186 18.76 17.08 -14.16
C PRO D 186 18.40 18.56 -14.15
N LEU D 187 17.66 19.01 -15.17
CA LEU D 187 17.23 20.41 -15.27
C LEU D 187 15.92 20.67 -14.52
N VAL D 188 15.27 19.59 -14.06
CA VAL D 188 14.07 19.69 -13.23
C VAL D 188 14.48 19.73 -11.77
N LEU D 189 15.25 18.73 -11.34
CA LEU D 189 15.59 18.53 -9.94
C LEU D 189 16.76 19.41 -9.48
N GLY D 190 17.66 19.73 -10.40
CA GLY D 190 18.90 20.42 -10.06
C GLY D 190 19.98 19.41 -9.71
N PRO D 191 21.26 19.83 -9.71
CA PRO D 191 22.40 18.95 -9.48
C PRO D 191 22.36 18.19 -8.15
N THR D 192 21.96 18.88 -7.08
CA THR D 192 21.97 18.32 -5.73
C THR D 192 20.91 17.22 -5.55
N ALA D 193 19.69 17.49 -5.99
CA ALA D 193 18.59 16.53 -5.90
C ALA D 193 18.77 15.38 -6.89
N MET D 194 19.42 15.68 -8.03
CA MET D 194 19.73 14.66 -9.03
C MET D 194 20.66 13.59 -8.47
N ARG D 195 21.64 13.99 -7.68
CA ARG D 195 22.58 13.06 -7.05
C ARG D 195 21.95 12.32 -5.87
N LYS D 196 21.00 12.96 -5.19
CA LYS D 196 20.37 12.40 -4.00
C LYS D 196 19.30 11.36 -4.33
N TYR D 197 18.47 11.65 -5.34
CA TYR D 197 17.34 10.79 -5.68
C TYR D 197 17.58 9.91 -6.91
N LEU D 198 18.57 10.29 -7.72
CA LEU D 198 18.92 9.53 -8.92
C LEU D 198 20.43 9.34 -9.09
N PRO D 199 21.06 8.53 -8.21
CA PRO D 199 22.50 8.27 -8.35
C PRO D 199 22.80 7.36 -9.53
N THR D 200 24.09 7.14 -9.81
CA THR D 200 24.53 6.32 -10.93
C THR D 200 23.82 4.96 -10.95
N TYR D 201 23.29 4.60 -12.12
CA TYR D 201 22.60 3.33 -12.33
C TYR D 201 23.55 2.15 -12.17
N ARG D 202 23.12 1.16 -11.39
CA ARG D 202 23.87 -0.09 -11.24
C ARG D 202 23.29 -1.16 -12.15
N SER D 203 22.16 -1.74 -11.75
CA SER D 203 21.43 -2.73 -12.54
C SER D 203 19.98 -2.86 -12.09
N TYR D 204 19.23 -3.74 -12.75
CA TYR D 204 17.83 -3.99 -12.43
C TYR D 204 17.65 -4.56 -11.02
N ASN D 205 16.71 -3.98 -10.28
CA ASN D 205 16.36 -4.45 -8.94
C ASN D 205 14.89 -4.85 -8.91
N ASP D 206 14.65 -6.17 -8.89
CA ASP D 206 13.29 -6.70 -8.99
C ASP D 206 12.44 -6.49 -7.72
N SER D 207 13.04 -5.91 -6.69
CA SER D 207 12.34 -5.60 -5.44
C SER D 207 11.85 -4.15 -5.43
N VAL D 208 12.17 -3.40 -6.48
CA VAL D 208 11.75 -1.99 -6.60
C VAL D 208 10.39 -1.89 -7.26
N ASP D 209 9.42 -1.34 -6.52
CA ASP D 209 8.05 -1.16 -7.01
C ASP D 209 8.01 -0.06 -8.08
N PRO D 210 7.72 -0.44 -9.34
CA PRO D 210 7.77 0.50 -10.45
C PRO D 210 6.45 1.24 -10.72
N ARG D 211 5.44 1.01 -9.89
CA ARG D 211 4.13 1.65 -10.05
C ARG D 211 4.20 3.16 -9.82
N ILE D 212 3.32 3.90 -10.50
CA ILE D 212 3.18 5.34 -10.29
C ILE D 212 2.41 5.58 -8.99
N ALA D 213 2.98 6.42 -8.13
CA ALA D 213 2.33 6.83 -6.90
C ALA D 213 1.16 7.77 -7.20
N ASN D 214 0.10 7.67 -6.40
CA ASN D 214 -1.05 8.53 -6.54
C ASN D 214 -0.69 10.01 -6.43
N VAL D 215 0.24 10.33 -5.52
CA VAL D 215 0.69 11.70 -5.31
C VAL D 215 1.39 12.28 -6.54
N PHE D 216 2.08 11.41 -7.29
CA PHE D 216 2.87 11.83 -8.45
C PHE D 216 2.01 12.42 -9.57
N THR D 217 0.79 11.90 -9.74
CA THR D 217 -0.13 12.40 -10.76
C THR D 217 -0.53 13.84 -10.49
N ASN D 218 -0.47 14.25 -9.23
CA ASN D 218 -0.75 15.62 -8.83
C ASN D 218 0.54 16.44 -8.72
N ALA D 219 1.61 15.82 -8.22
CA ALA D 219 2.88 16.50 -8.00
C ALA D 219 3.59 16.89 -9.29
N PHE D 220 3.54 16.02 -10.30
CA PHE D 220 4.18 16.28 -11.59
C PHE D 220 3.41 17.29 -12.44
N ARG D 221 2.32 17.82 -11.89
CA ARG D 221 1.57 18.90 -12.53
C ARG D 221 2.26 20.25 -12.29
N TYR D 222 3.51 20.20 -11.82
CA TYR D 222 4.33 21.39 -11.61
C TYR D 222 4.54 22.13 -12.93
N GLY D 223 4.54 21.37 -14.03
CA GLY D 223 4.79 21.90 -15.36
C GLY D 223 3.76 22.92 -15.82
N HIS D 224 2.60 22.92 -15.18
CA HIS D 224 1.56 23.90 -15.48
C HIS D 224 2.04 25.33 -15.20
N THR D 225 3.03 25.46 -14.33
CA THR D 225 3.64 26.76 -14.01
C THR D 225 4.60 27.23 -15.12
N LEU D 226 5.01 26.30 -15.97
CA LEU D 226 5.96 26.59 -17.05
C LEU D 226 5.26 27.06 -18.33
N ILE D 227 3.93 26.93 -18.35
CA ILE D 227 3.13 27.17 -19.55
C ILE D 227 3.06 28.65 -19.96
N GLN D 228 3.38 28.91 -21.23
CA GLN D 228 3.26 30.24 -21.81
C GLN D 228 1.84 30.50 -22.30
N PRO D 229 1.37 31.76 -22.21
CA PRO D 229 0.01 32.12 -22.63
C PRO D 229 -0.20 32.12 -24.15
N PHE D 230 0.88 31.90 -24.91
CA PHE D 230 0.81 31.88 -26.37
C PHE D 230 1.45 30.63 -26.96
N MET D 231 0.97 30.24 -28.14
CA MET D 231 1.67 29.25 -28.96
C MET D 231 2.54 30.01 -29.97
N PHE D 232 3.84 29.73 -29.95
CA PHE D 232 4.80 30.45 -30.79
C PHE D 232 5.17 29.63 -32.03
N ARG D 233 5.03 30.26 -33.20
CA ARG D 233 5.37 29.61 -34.47
C ARG D 233 6.35 30.46 -35.28
N LEU D 234 7.41 29.82 -35.77
CA LEU D 234 8.47 30.52 -36.49
C LEU D 234 8.79 29.85 -37.83
N ASP D 235 9.15 30.67 -38.83
CA ASP D 235 9.53 30.16 -40.16
C ASP D 235 10.94 29.54 -40.17
N ASN D 236 11.37 29.09 -41.35
CA ASN D 236 12.66 28.40 -41.51
C ASN D 236 13.89 29.23 -41.18
N ARG D 237 13.73 30.56 -41.13
CA ARG D 237 14.81 31.45 -40.70
C ARG D 237 14.57 31.99 -39.28
N TYR D 238 13.71 31.30 -38.54
CA TYR D 238 13.40 31.57 -37.13
C TYR D 238 12.81 32.96 -36.83
N GLN D 239 12.00 33.45 -37.77
CA GLN D 239 11.30 34.72 -37.60
C GLN D 239 9.79 34.46 -37.41
N PRO D 240 9.11 35.31 -36.63
CA PRO D 240 7.67 35.18 -36.40
C PRO D 240 6.87 34.91 -37.68
N MET D 241 6.27 33.73 -37.76
CA MET D 241 5.51 33.31 -38.94
C MET D 241 4.13 33.97 -38.96
N GLU D 242 3.84 34.67 -40.06
CA GLU D 242 2.60 35.42 -40.21
C GLU D 242 1.47 34.56 -40.81
N PRO D 243 0.20 34.95 -40.57
CA PRO D 243 -0.23 36.13 -39.80
C PRO D 243 -0.44 35.85 -38.30
N ASN D 244 -0.22 34.61 -37.87
CA ASN D 244 -0.45 34.23 -36.48
C ASN D 244 0.79 33.65 -35.77
N PRO D 245 1.73 34.52 -35.36
CA PRO D 245 2.91 34.04 -34.64
C PRO D 245 2.66 33.85 -33.14
N ARG D 246 1.85 34.73 -32.55
CA ARG D 246 1.51 34.66 -31.13
C ARG D 246 0.01 34.40 -30.97
N VAL D 247 -0.37 33.13 -30.99
CA VAL D 247 -1.77 32.72 -30.87
C VAL D 247 -2.09 32.43 -29.40
N PRO D 248 -3.12 33.09 -28.85
CA PRO D 248 -3.58 32.83 -27.47
C PRO D 248 -3.84 31.35 -27.25
N LEU D 249 -3.41 30.84 -26.09
CA LEU D 249 -3.47 29.41 -25.79
C LEU D 249 -4.89 28.87 -25.65
N SER D 250 -5.82 29.76 -25.31
CA SER D 250 -7.24 29.40 -25.17
C SER D 250 -7.88 29.06 -26.53
N ARG D 251 -7.16 29.34 -27.60
CA ARG D 251 -7.63 29.06 -28.96
C ARG D 251 -6.74 28.07 -29.72
N VAL D 252 -5.89 27.35 -28.98
CA VAL D 252 -5.11 26.26 -29.55
C VAL D 252 -5.42 24.90 -28.92
N PHE D 253 -6.11 24.92 -27.78
CA PHE D 253 -6.56 23.68 -27.13
C PHE D 253 -7.45 22.87 -28.08
N PHE D 254 -7.05 21.63 -28.33
CA PHE D 254 -7.73 20.73 -29.27
C PHE D 254 -7.78 21.21 -30.72
N ALA D 255 -7.13 22.34 -31.01
CA ALA D 255 -7.11 22.90 -32.36
C ALA D 255 -6.16 22.11 -33.27
N SER D 256 -6.62 20.92 -33.67
CA SER D 256 -5.84 20.02 -34.51
C SER D 256 -5.73 20.53 -35.94
N TRP D 257 -6.63 21.44 -36.31
CA TRP D 257 -6.63 22.05 -37.64
C TRP D 257 -5.41 22.95 -37.88
N ARG D 258 -4.85 23.49 -36.80
CA ARG D 258 -3.68 24.37 -36.86
C ARG D 258 -2.42 23.63 -37.33
N VAL D 259 -2.38 22.33 -37.09
CA VAL D 259 -1.28 21.49 -37.55
C VAL D 259 -1.48 21.12 -39.01
N VAL D 260 -2.70 20.71 -39.36
CA VAL D 260 -3.04 20.25 -40.70
C VAL D 260 -3.09 21.37 -41.73
N LEU D 261 -3.69 22.50 -41.37
CA LEU D 261 -3.97 23.57 -42.32
C LEU D 261 -3.08 24.82 -42.18
N GLU D 262 -2.58 25.08 -40.97
CA GLU D 262 -1.79 26.28 -40.72
C GLU D 262 -0.27 26.04 -40.69
N GLY D 263 0.22 25.27 -41.66
CA GLY D 263 1.65 25.02 -41.80
C GLY D 263 2.02 23.57 -41.56
N GLY D 264 2.27 23.23 -40.29
CA GLY D 264 2.66 21.88 -39.91
C GLY D 264 3.31 21.84 -38.54
N ILE D 265 4.10 20.80 -38.29
CA ILE D 265 4.79 20.64 -37.01
C ILE D 265 6.12 21.42 -36.97
N ASP D 266 6.65 21.72 -38.16
CA ASP D 266 7.93 22.43 -38.30
C ASP D 266 7.95 23.83 -37.66
N PRO D 267 6.92 24.68 -37.94
CA PRO D 267 6.90 26.00 -37.31
C PRO D 267 6.69 25.93 -35.79
N ILE D 268 5.93 24.94 -35.34
CA ILE D 268 5.64 24.75 -33.91
C ILE D 268 6.88 24.29 -33.15
N LEU D 269 7.63 23.36 -33.74
CA LEU D 269 8.85 22.82 -33.12
C LEU D 269 9.97 23.86 -33.05
N ARG D 270 10.05 24.72 -34.07
CA ARG D 270 10.99 25.84 -34.09
C ARG D 270 10.65 26.85 -33.00
N GLY D 271 9.36 27.03 -32.74
CA GLY D 271 8.88 27.90 -31.67
C GLY D 271 9.28 27.39 -30.29
N LEU D 272 9.03 26.11 -30.04
CA LEU D 272 9.36 25.48 -28.76
C LEU D 272 10.85 25.55 -28.43
N MET D 273 11.69 25.53 -29.48
CA MET D 273 13.14 25.58 -29.31
C MET D 273 13.67 26.99 -29.06
N ALA D 274 13.06 27.98 -29.72
CA ALA D 274 13.57 29.35 -29.71
C ALA D 274 12.74 30.32 -28.86
N THR D 275 11.83 29.79 -28.06
CA THR D 275 11.03 30.60 -27.14
C THR D 275 11.30 30.17 -25.70
N PRO D 276 11.61 31.13 -24.81
CA PRO D 276 11.80 30.85 -23.39
C PRO D 276 10.52 30.36 -22.73
N ALA D 277 10.66 29.42 -21.80
CA ALA D 277 9.53 28.95 -21.00
C ALA D 277 9.13 30.01 -19.98
N LYS D 278 7.97 29.84 -19.37
CA LYS D 278 7.57 30.70 -18.26
C LYS D 278 8.33 30.25 -17.02
N LEU D 279 8.85 31.23 -16.26
CA LEU D 279 9.49 30.95 -14.99
C LEU D 279 8.44 30.86 -13.89
N ASN D 280 8.59 29.86 -13.03
CA ASN D 280 7.76 29.75 -11.85
C ASN D 280 8.25 30.74 -10.80
N ARG D 281 7.40 31.70 -10.46
CA ARG D 281 7.69 32.67 -9.41
C ARG D 281 6.54 32.64 -8.41
N GLN D 282 6.85 32.94 -7.16
CA GLN D 282 5.90 32.79 -6.06
C GLN D 282 4.69 33.75 -6.13
N ASN D 283 4.84 34.84 -6.89
CA ASN D 283 3.72 35.74 -7.17
C ASN D 283 3.27 35.70 -8.65
N GLN D 284 3.85 34.76 -9.40
CA GLN D 284 3.49 34.51 -10.80
C GLN D 284 3.46 33.01 -11.06
N ILE D 285 2.47 32.33 -10.50
CA ILE D 285 2.42 30.86 -10.52
C ILE D 285 1.98 30.29 -11.88
N ALA D 286 0.78 30.62 -12.32
CA ALA D 286 0.28 30.14 -13.61
C ALA D 286 -0.53 31.20 -14.35
N VAL D 287 -0.41 31.20 -15.66
CA VAL D 287 -1.06 32.20 -16.53
C VAL D 287 -2.57 32.00 -16.63
N ASP D 288 -3.29 33.11 -16.83
CA ASP D 288 -4.75 33.10 -16.89
C ASP D 288 -5.33 32.37 -18.11
N GLU D 289 -4.47 32.02 -19.07
CA GLU D 289 -4.90 31.26 -20.24
C GLU D 289 -5.34 29.84 -19.89
N ILE D 290 -4.73 29.28 -18.84
CA ILE D 290 -5.14 27.98 -18.31
C ILE D 290 -5.94 28.12 -17.01
N ARG D 291 -5.82 29.28 -16.37
CA ARG D 291 -6.49 29.54 -15.09
C ARG D 291 -7.91 30.10 -15.28
N GLU D 292 -8.14 30.74 -16.42
CA GLU D 292 -9.44 31.37 -16.70
C GLU D 292 -10.11 30.85 -17.96
N ARG D 293 -9.32 30.42 -18.93
CA ARG D 293 -9.83 30.09 -20.25
C ARG D 293 -9.44 28.69 -20.77
N LEU D 294 -9.23 27.76 -19.86
CA LEU D 294 -8.88 26.38 -20.24
C LEU D 294 -10.06 25.68 -20.93
N PHE D 295 -9.82 25.23 -22.15
CA PHE D 295 -10.83 24.58 -23.01
C PHE D 295 -12.08 25.43 -23.20
N GLU D 296 -11.90 26.74 -23.30
CA GLU D 296 -12.98 27.71 -23.43
C GLU D 296 -13.85 27.46 -24.66
N GLN D 297 -13.22 26.97 -25.73
CA GLN D 297 -13.89 26.76 -27.02
C GLN D 297 -14.75 25.49 -27.08
N VAL D 298 -14.31 24.45 -26.39
CA VAL D 298 -14.92 23.12 -26.55
C VAL D 298 -15.98 22.74 -25.52
N MET D 299 -16.25 23.62 -24.56
CA MET D 299 -17.29 23.39 -23.55
C MET D 299 -17.98 24.67 -23.07
N ARG D 300 -18.98 24.51 -22.21
CA ARG D 300 -19.86 25.61 -21.77
C ARG D 300 -19.14 26.74 -21.04
N ILE D 301 -18.05 26.42 -20.35
CA ILE D 301 -17.33 27.39 -19.52
C ILE D 301 -15.83 27.09 -19.51
N GLY D 302 -15.02 28.13 -19.41
CA GLY D 302 -13.56 27.99 -19.30
C GLY D 302 -13.16 27.47 -17.95
N LEU D 303 -12.28 26.46 -17.95
CA LEU D 303 -11.87 25.79 -16.72
C LEU D 303 -10.69 26.48 -16.04
N ASP D 304 -10.50 26.15 -14.76
CA ASP D 304 -9.39 26.66 -13.97
C ASP D 304 -8.48 25.50 -13.61
N LEU D 305 -7.45 25.28 -14.43
CA LEU D 305 -6.53 24.14 -14.26
C LEU D 305 -5.85 24.05 -12.88
N PRO D 306 -5.25 25.17 -12.40
CA PRO D 306 -4.69 25.15 -11.04
C PRO D 306 -5.72 24.77 -9.97
N ALA D 307 -6.95 25.26 -10.11
CA ALA D 307 -8.04 24.90 -9.20
C ALA D 307 -8.47 23.46 -9.39
N LEU D 308 -8.49 23.00 -10.65
CA LEU D 308 -8.76 21.60 -10.98
C LEU D 308 -7.74 20.65 -10.36
N ASN D 309 -6.47 21.08 -10.38
CA ASN D 309 -5.38 20.31 -9.76
C ASN D 309 -5.60 20.11 -8.27
N MET D 310 -6.04 21.17 -7.60
CA MET D 310 -6.28 21.16 -6.16
C MET D 310 -7.55 20.38 -5.78
N GLN D 311 -8.55 20.42 -6.65
CA GLN D 311 -9.79 19.66 -6.45
C GLN D 311 -9.54 18.16 -6.66
N ARG D 312 -8.67 17.84 -7.60
CA ARG D 312 -8.31 16.45 -7.92
C ARG D 312 -7.56 15.78 -6.78
N SER D 313 -6.67 16.51 -6.13
CA SER D 313 -5.90 15.99 -4.99
C SER D 313 -6.83 15.59 -3.84
N ARG D 314 -7.92 16.33 -3.69
CA ARG D 314 -8.93 16.04 -2.68
C ARG D 314 -9.78 14.85 -3.08
N ASP D 315 -10.14 14.80 -4.37
CA ASP D 315 -10.84 13.66 -4.96
C ASP D 315 -10.05 12.36 -4.79
N HIS D 316 -8.73 12.45 -4.98
CA HIS D 316 -7.82 11.33 -4.80
C HIS D 316 -7.48 11.07 -3.32
N GLY D 317 -7.95 11.95 -2.45
CA GLY D 317 -7.76 11.81 -1.01
C GLY D 317 -6.31 11.92 -0.57
N LEU D 318 -5.56 12.79 -1.22
CA LEU D 318 -4.15 12.99 -0.90
C LEU D 318 -3.99 13.85 0.36
N PRO D 319 -3.08 13.45 1.26
CA PRO D 319 -2.72 14.23 2.44
C PRO D 319 -2.19 15.63 2.09
N GLY D 320 -2.19 16.52 3.08
CA GLY D 320 -1.77 17.91 2.87
C GLY D 320 -0.28 18.13 2.77
N TYR D 321 0.11 19.40 2.69
CA TYR D 321 1.49 19.83 2.51
C TYR D 321 2.45 19.27 3.58
N ASN D 322 2.10 19.47 4.84
CA ASN D 322 2.93 19.02 5.97
C ASN D 322 3.17 17.52 6.02
N ALA D 323 2.15 16.73 5.68
CA ALA D 323 2.25 15.27 5.68
C ALA D 323 3.26 14.78 4.64
N TRP D 324 3.29 15.44 3.48
CA TRP D 324 4.23 15.09 2.42
C TRP D 324 5.63 15.64 2.69
N ARG D 325 5.70 16.71 3.48
CA ARG D 325 6.98 17.24 3.96
C ARG D 325 7.63 16.24 4.92
N ARG D 326 6.82 15.69 5.83
CA ARG D 326 7.26 14.68 6.79
C ARG D 326 7.67 13.38 6.10
N PHE D 327 6.92 13.02 5.06
CA PHE D 327 7.25 11.86 4.23
C PHE D 327 8.65 12.01 3.64
N CYS D 328 8.94 13.21 3.15
CA CYS D 328 10.21 13.51 2.48
C CYS D 328 11.37 13.79 3.43
N GLY D 329 11.09 13.84 4.73
CA GLY D 329 12.11 14.14 5.73
C GLY D 329 12.44 15.62 5.77
N LEU D 330 11.48 16.44 5.38
CA LEU D 330 11.62 17.89 5.40
C LEU D 330 10.79 18.48 6.54
N PRO D 331 11.29 19.57 7.18
CA PRO D 331 10.59 20.18 8.32
C PRO D 331 9.15 20.58 7.99
N GLN D 332 8.26 20.43 8.97
CA GLN D 332 6.84 20.75 8.79
C GLN D 332 6.46 21.99 9.60
N PRO D 333 6.31 23.14 8.92
CA PRO D 333 5.98 24.40 9.59
C PRO D 333 4.60 24.38 10.23
N GLU D 334 4.49 24.98 11.42
CA GLU D 334 3.22 25.05 12.15
C GLU D 334 2.62 26.44 12.03
N THR D 335 3.46 27.45 12.24
CA THR D 335 3.03 28.85 12.26
C THR D 335 3.24 29.53 10.91
N VAL D 336 2.68 30.74 10.79
CA VAL D 336 2.84 31.57 9.60
C VAL D 336 4.29 32.01 9.40
N GLY D 337 4.98 32.30 10.51
CA GLY D 337 6.38 32.71 10.49
C GLY D 337 7.30 31.60 10.04
N GLN D 338 7.03 30.39 10.51
CA GLN D 338 7.78 29.19 10.10
C GLN D 338 7.58 28.88 8.63
N LEU D 339 6.32 29.00 8.17
CA LEU D 339 5.99 28.81 6.76
C LEU D 339 6.69 29.86 5.90
N GLY D 340 6.81 31.07 6.43
CA GLY D 340 7.53 32.15 5.77
C GLY D 340 9.01 31.83 5.61
N THR D 341 9.61 31.24 6.64
CA THR D 341 11.02 30.84 6.62
C THR D 341 11.25 29.73 5.59
N VAL D 342 10.34 28.77 5.54
CA VAL D 342 10.42 27.64 4.60
C VAL D 342 10.27 28.10 3.15
N LEU D 343 9.35 29.02 2.91
CA LEU D 343 9.09 29.53 1.56
C LEU D 343 9.99 30.69 1.16
N ARG D 344 10.68 31.27 2.14
CA ARG D 344 11.47 32.51 1.97
C ARG D 344 10.60 33.65 1.42
N ASN D 345 9.34 33.68 1.87
CA ASN D 345 8.35 34.64 1.39
C ASN D 345 7.21 34.74 2.41
N LEU D 346 7.32 35.71 3.31
CA LEU D 346 6.33 35.90 4.38
C LEU D 346 4.98 36.38 3.84
N LYS D 347 5.02 37.11 2.73
CA LYS D 347 3.80 37.61 2.08
C LYS D 347 2.98 36.45 1.48
N LEU D 348 3.66 35.47 0.91
CA LEU D 348 3.00 34.28 0.36
C LEU D 348 2.46 33.37 1.47
N ALA D 349 3.25 33.21 2.53
CA ALA D 349 2.84 32.40 3.68
C ALA D 349 1.54 32.92 4.29
N ARG D 350 1.43 34.23 4.42
CA ARG D 350 0.22 34.88 4.93
C ARG D 350 -1.00 34.64 4.02
N LYS D 351 -0.77 34.67 2.72
CA LYS D 351 -1.81 34.38 1.72
C LYS D 351 -2.30 32.93 1.84
N LEU D 352 -1.36 32.01 2.02
CA LEU D 352 -1.67 30.59 2.18
C LEU D 352 -2.36 30.29 3.50
N MET D 353 -1.95 31.00 4.56
CA MET D 353 -2.55 30.83 5.89
C MET D 353 -3.97 31.39 5.95
N GLU D 354 -4.22 32.46 5.19
CA GLU D 354 -5.54 33.07 5.10
C GLU D 354 -6.54 32.08 4.47
N GLN D 355 -6.06 31.33 3.48
CA GLN D 355 -6.90 30.35 2.78
C GLN D 355 -7.06 29.05 3.57
N TYR D 356 -5.94 28.47 3.98
CA TYR D 356 -5.94 27.12 4.56
C TYR D 356 -6.05 27.07 6.07
N GLY D 357 -5.59 28.12 6.75
CA GLY D 357 -5.61 28.17 8.21
C GLY D 357 -4.41 27.48 8.85
N THR D 358 -3.93 26.42 8.20
CA THR D 358 -2.78 25.66 8.67
C THR D 358 -1.97 25.13 7.47
N PRO D 359 -0.63 25.07 7.61
CA PRO D 359 0.19 24.43 6.58
C PRO D 359 -0.09 22.92 6.43
N ASN D 360 -0.83 22.36 7.38
CA ASN D 360 -1.28 20.98 7.31
C ASN D 360 -2.26 20.72 6.18
N ASN D 361 -3.10 21.73 5.89
CA ASN D 361 -4.19 21.57 4.94
C ASN D 361 -3.94 22.10 3.52
N ILE D 362 -2.74 22.61 3.27
CA ILE D 362 -2.38 23.08 1.93
C ILE D 362 -2.34 21.90 0.96
N ASP D 363 -3.05 22.05 -0.16
CA ASP D 363 -3.05 21.03 -1.22
C ASP D 363 -1.64 20.80 -1.77
N ILE D 364 -1.32 19.54 -2.04
CA ILE D 364 0.04 19.15 -2.44
C ILE D 364 0.60 19.96 -3.62
N TRP D 365 -0.20 20.15 -4.66
CA TRP D 365 0.22 20.95 -5.82
C TRP D 365 0.50 22.39 -5.43
N MET D 366 -0.39 22.97 -4.64
CA MET D 366 -0.29 24.36 -4.22
C MET D 366 0.97 24.63 -3.40
N GLY D 367 1.19 23.82 -2.37
CA GLY D 367 2.36 23.94 -1.49
C GLY D 367 3.65 23.55 -2.18
N GLY D 368 3.54 22.63 -3.14
CA GLY D 368 4.69 22.19 -3.92
C GLY D 368 5.25 23.27 -4.82
N VAL D 369 4.38 23.88 -5.63
CA VAL D 369 4.78 24.92 -6.58
C VAL D 369 5.11 26.25 -5.89
N SER D 370 4.68 26.40 -4.64
CA SER D 370 4.91 27.62 -3.86
C SER D 370 6.34 27.71 -3.33
N GLU D 371 6.98 26.55 -3.16
CA GLU D 371 8.33 26.47 -2.62
C GLU D 371 9.37 27.10 -3.56
N PRO D 372 10.39 27.77 -2.99
CA PRO D 372 11.47 28.36 -3.78
C PRO D 372 12.24 27.28 -4.54
N LEU D 373 12.61 27.58 -5.78
CA LEU D 373 13.25 26.60 -6.67
C LEU D 373 14.67 26.28 -6.24
N LYS D 374 15.03 25.00 -6.29
CA LYS D 374 16.39 24.55 -5.95
C LYS D 374 17.37 25.05 -7.01
N ARG D 375 18.60 25.32 -6.57
CA ARG D 375 19.64 25.88 -7.43
C ARG D 375 19.80 25.11 -8.74
N LYS D 376 19.61 25.81 -9.85
CA LYS D 376 19.69 25.25 -11.21
C LYS D 376 18.64 24.16 -11.48
N GLY D 377 17.53 24.23 -10.75
CA GLY D 377 16.39 23.35 -10.94
C GLY D 377 15.11 24.16 -11.03
N ARG D 378 13.99 23.50 -11.29
CA ARG D 378 12.70 24.20 -11.44
C ARG D 378 11.63 23.72 -10.47
N VAL D 379 12.04 23.01 -9.42
CA VAL D 379 11.13 22.60 -8.35
C VAL D 379 11.76 22.84 -6.99
N GLY D 380 10.91 23.03 -5.98
CA GLY D 380 11.36 23.15 -4.59
C GLY D 380 11.72 21.80 -4.01
N PRO D 381 12.26 21.79 -2.76
CA PRO D 381 12.67 20.56 -2.07
C PRO D 381 11.62 19.45 -2.05
N LEU D 382 10.35 19.82 -1.85
CA LEU D 382 9.26 18.84 -1.75
C LEU D 382 8.96 18.13 -3.07
N LEU D 383 8.74 18.90 -4.13
CA LEU D 383 8.46 18.34 -5.44
C LEU D 383 9.63 17.56 -6.01
N ALA D 384 10.85 18.04 -5.73
CA ALA D 384 12.07 17.34 -6.12
C ALA D 384 12.15 15.95 -5.48
N CYS D 385 11.69 15.86 -4.23
CA CYS D 385 11.65 14.60 -3.49
C CYS D 385 10.67 13.60 -4.12
N ILE D 386 9.44 14.05 -4.36
CA ILE D 386 8.39 13.19 -4.92
C ILE D 386 8.72 12.78 -6.36
N ILE D 387 9.02 13.76 -7.20
CA ILE D 387 9.39 13.52 -8.60
C ILE D 387 10.66 12.67 -8.70
N GLY D 388 11.64 12.99 -7.87
CA GLY D 388 12.91 12.24 -7.82
C GLY D 388 12.75 10.79 -7.42
N THR D 389 11.96 10.55 -6.36
CA THR D 389 11.72 9.20 -5.86
C THR D 389 11.01 8.34 -6.91
N GLN D 390 10.01 8.93 -7.56
CA GLN D 390 9.22 8.25 -8.58
C GLN D 390 10.08 7.75 -9.75
N PHE D 391 10.89 8.65 -10.31
CA PHE D 391 11.71 8.33 -11.48
C PHE D 391 12.82 7.32 -11.21
N ARG D 392 13.26 7.19 -9.95
CA ARG D 392 14.23 6.16 -9.61
C ARG D 392 13.59 4.79 -9.59
N LYS D 393 12.34 4.74 -9.12
CA LYS D 393 11.56 3.51 -9.09
C LYS D 393 11.21 3.04 -10.51
N LEU D 394 11.03 3.98 -11.42
CA LEU D 394 10.76 3.69 -12.82
C LEU D 394 12.02 3.24 -13.56
N ARG D 395 13.18 3.57 -13.00
CA ARG D 395 14.47 3.22 -13.58
C ARG D 395 14.99 1.88 -13.08
N ASP D 396 15.05 1.73 -11.76
CA ASP D 396 15.59 0.53 -11.13
C ASP D 396 14.61 -0.64 -11.11
N GLY D 397 13.32 -0.33 -11.19
CA GLY D 397 12.27 -1.36 -11.21
C GLY D 397 11.83 -1.76 -12.60
N ASP D 398 12.61 -1.35 -13.60
CA ASP D 398 12.31 -1.65 -15.00
C ASP D 398 13.32 -2.67 -15.52
N ARG D 399 12.82 -3.85 -15.90
CA ARG D 399 13.64 -4.94 -16.42
C ARG D 399 14.16 -4.61 -17.82
N PHE D 400 13.38 -3.84 -18.57
CA PHE D 400 13.73 -3.45 -19.94
C PHE D 400 14.39 -2.08 -20.03
N TRP D 401 14.98 -1.62 -18.92
CA TRP D 401 15.76 -0.39 -18.91
C TRP D 401 16.96 -0.54 -19.84
N TRP D 402 17.22 0.48 -20.66
CA TRP D 402 18.18 0.39 -21.76
C TRP D 402 19.62 0.06 -21.34
N GLU D 403 19.97 0.38 -20.10
CA GLU D 403 21.31 0.11 -19.57
C GLU D 403 21.43 -1.27 -18.94
N ASN D 404 20.29 -1.90 -18.64
CA ASN D 404 20.26 -3.21 -17.99
C ASN D 404 20.86 -4.30 -18.86
N GLU D 405 21.66 -5.16 -18.24
CA GLU D 405 22.38 -6.22 -18.94
C GLU D 405 21.43 -7.25 -19.54
N GLY D 406 21.48 -7.40 -20.86
CA GLY D 406 20.62 -8.32 -21.59
C GLY D 406 19.61 -7.64 -22.51
N VAL D 407 19.37 -6.35 -22.27
CA VAL D 407 18.42 -5.58 -23.07
C VAL D 407 19.07 -5.17 -24.40
N PHE D 408 20.24 -4.54 -24.32
CA PHE D 408 21.04 -4.20 -25.50
C PHE D 408 22.45 -4.76 -25.37
N SER D 409 23.15 -4.84 -26.50
CA SER D 409 24.57 -5.23 -26.48
C SER D 409 25.44 -4.02 -26.13
N MET D 410 26.71 -4.27 -25.86
CA MET D 410 27.66 -3.22 -25.47
C MET D 410 27.76 -2.10 -26.51
N GLN D 411 27.92 -2.49 -27.78
CA GLN D 411 28.02 -1.53 -28.88
C GLN D 411 26.70 -0.83 -29.20
N GLN D 412 25.58 -1.50 -28.93
CA GLN D 412 24.24 -0.92 -29.11
C GLN D 412 23.98 0.21 -28.10
N ARG D 413 24.43 0.01 -26.86
CA ARG D 413 24.35 1.04 -25.82
C ARG D 413 25.29 2.19 -26.13
N GLN D 414 26.45 1.85 -26.70
CA GLN D 414 27.47 2.84 -27.05
C GLN D 414 27.01 3.71 -28.22
N ALA D 415 26.12 3.17 -29.05
CA ALA D 415 25.53 3.90 -30.16
C ALA D 415 24.31 4.72 -29.72
N LEU D 416 23.47 4.12 -28.86
CA LEU D 416 22.28 4.78 -28.34
C LEU D 416 22.60 5.99 -27.47
N ALA D 417 23.79 5.99 -26.87
CA ALA D 417 24.24 7.10 -26.02
C ALA D 417 24.43 8.40 -26.82
N GLN D 418 24.53 8.27 -28.14
CA GLN D 418 24.79 9.41 -29.01
C GLN D 418 23.54 10.10 -29.54
N ILE D 419 22.36 9.62 -29.12
CA ILE D 419 21.09 10.22 -29.54
C ILE D 419 20.79 11.51 -28.78
N SER D 420 19.99 12.36 -29.39
CA SER D 420 19.54 13.62 -28.79
C SER D 420 18.24 14.07 -29.45
N LEU D 421 17.45 14.87 -28.72
CA LEU D 421 16.20 15.42 -29.25
C LEU D 421 16.39 16.33 -30.48
N PRO D 422 17.40 17.23 -30.45
CA PRO D 422 17.69 18.03 -31.65
C PRO D 422 17.97 17.19 -32.90
N ARG D 423 18.63 16.05 -32.74
CA ARG D 423 18.93 15.16 -33.86
C ARG D 423 17.69 14.47 -34.42
N ILE D 424 16.78 14.11 -33.53
CA ILE D 424 15.50 13.50 -33.92
C ILE D 424 14.69 14.49 -34.76
N ILE D 425 14.77 15.77 -34.39
CA ILE D 425 14.14 16.84 -35.14
C ILE D 425 14.75 16.98 -36.54
N CYS D 426 16.08 16.93 -36.62
CA CYS D 426 16.79 16.98 -37.89
C CYS D 426 16.36 15.85 -38.85
N ASP D 427 16.24 14.65 -38.29
CA ASP D 427 15.99 13.44 -39.08
C ASP D 427 14.56 13.27 -39.57
N ASN D 428 13.62 14.00 -38.97
CA ASN D 428 12.20 13.79 -39.25
C ASN D 428 11.41 15.02 -39.68
N THR D 429 12.07 16.18 -39.70
CA THR D 429 11.42 17.43 -40.12
C THR D 429 12.21 18.11 -41.24
N GLY D 430 11.73 19.27 -41.68
CA GLY D 430 12.43 20.09 -42.66
C GLY D 430 13.28 21.18 -42.01
N ILE D 431 13.55 21.01 -40.71
CA ILE D 431 14.34 21.95 -39.94
C ILE D 431 15.83 21.59 -40.03
N THR D 432 16.62 22.52 -40.55
CA THR D 432 18.07 22.29 -40.74
C THR D 432 18.93 22.96 -39.67
N THR D 433 18.30 23.78 -38.81
CA THR D 433 19.00 24.46 -37.73
C THR D 433 18.29 24.23 -36.40
N VAL D 434 18.95 23.50 -35.50
CA VAL D 434 18.37 23.12 -34.21
C VAL D 434 19.20 23.58 -33.00
N SER D 435 18.63 23.39 -31.81
CA SER D 435 19.24 23.83 -30.56
C SER D 435 20.51 23.08 -30.22
N LYS D 436 21.43 23.77 -29.54
CA LYS D 436 22.59 23.14 -28.91
C LYS D 436 22.13 22.34 -27.70
N ASN D 437 22.86 21.27 -27.36
CA ASN D 437 22.62 20.56 -26.12
C ASN D 437 23.17 21.37 -24.94
N ASN D 438 22.41 21.53 -23.86
CA ASN D 438 21.10 20.90 -23.66
C ASN D 438 19.96 21.65 -24.36
N ILE D 439 19.09 20.89 -25.04
CA ILE D 439 17.93 21.44 -25.76
C ILE D 439 16.95 22.15 -24.81
N PHE D 440 16.85 21.65 -23.58
CA PHE D 440 15.93 22.21 -22.59
C PHE D 440 16.49 23.48 -21.95
N MET D 441 17.78 23.73 -22.13
CA MET D 441 18.42 24.95 -21.65
C MET D 441 18.55 26.00 -22.76
N SER D 442 18.85 25.54 -23.97
CA SER D 442 18.98 26.41 -25.14
C SER D 442 17.62 27.00 -25.52
N ASN D 443 17.56 28.32 -25.62
CA ASN D 443 16.28 29.02 -25.85
C ASN D 443 16.36 30.29 -26.70
N SER D 444 17.56 30.70 -27.09
CA SER D 444 17.74 31.95 -27.84
C SER D 444 18.40 31.74 -29.20
N TYR D 445 17.83 32.38 -30.22
CA TYR D 445 18.36 32.32 -31.58
C TYR D 445 19.12 33.62 -31.91
N PRO D 446 20.25 33.51 -32.64
CA PRO D 446 20.92 32.30 -33.11
C PRO D 446 22.06 31.83 -32.20
N ARG D 447 22.07 32.34 -30.98
CA ARG D 447 23.16 32.09 -30.02
C ARG D 447 23.26 30.61 -29.61
N ASP D 448 22.11 29.97 -29.43
CA ASP D 448 22.06 28.59 -28.93
C ASP D 448 21.69 27.58 -30.01
N PHE D 449 22.03 27.89 -31.26
CA PHE D 449 21.61 27.06 -32.40
C PHE D 449 22.75 26.66 -33.35
N VAL D 450 22.69 25.41 -33.81
CA VAL D 450 23.69 24.86 -34.74
C VAL D 450 23.02 24.15 -35.93
N ASN D 451 23.79 23.92 -36.99
CA ASN D 451 23.30 23.20 -38.17
C ASN D 451 23.22 21.69 -37.93
N CYS D 452 22.32 21.02 -38.66
CA CYS D 452 22.15 19.57 -38.57
C CYS D 452 23.35 18.79 -39.12
N SER D 453 24.15 19.45 -39.96
CA SER D 453 25.35 18.84 -40.55
C SER D 453 26.43 18.54 -39.50
N THR D 454 26.48 19.36 -38.45
CA THR D 454 27.46 19.19 -37.37
C THR D 454 27.06 18.12 -36.35
N LEU D 455 25.81 17.64 -36.46
CA LEU D 455 25.30 16.63 -35.54
C LEU D 455 25.11 15.27 -36.24
N PRO D 456 25.83 14.24 -35.77
CA PRO D 456 25.74 12.91 -36.39
C PRO D 456 24.46 12.16 -35.99
N ALA D 457 23.95 11.35 -36.92
CA ALA D 457 22.75 10.55 -36.68
C ALA D 457 23.10 9.26 -35.94
N LEU D 458 22.06 8.56 -35.46
CA LEU D 458 22.23 7.28 -34.77
C LEU D 458 22.79 6.21 -35.70
N ASN D 459 23.90 5.59 -35.29
CA ASN D 459 24.53 4.52 -36.05
C ASN D 459 23.90 3.17 -35.72
N LEU D 460 23.21 2.59 -36.71
CA LEU D 460 22.49 1.32 -36.52
C LEU D 460 23.28 0.11 -37.03
N ALA D 461 24.60 0.27 -37.14
CA ALA D 461 25.49 -0.79 -37.63
C ALA D 461 25.54 -2.00 -36.71
N SER D 462 25.32 -1.77 -35.42
CA SER D 462 25.34 -2.82 -34.40
C SER D 462 24.01 -3.57 -34.28
N TRP D 463 23.06 -3.24 -35.16
CA TRP D 463 21.77 -3.92 -35.22
C TRP D 463 21.74 -4.98 -36.33
N ARG D 464 22.84 -5.10 -37.07
CA ARG D 464 22.98 -6.07 -38.16
C ARG D 464 23.01 -7.51 -37.62
N GLU D 465 22.13 -8.35 -38.17
CA GLU D 465 22.14 -9.79 -37.87
C GLU D 465 22.90 -10.54 -38.96
N ALA D 466 24.23 -10.47 -38.89
CA ALA D 466 25.10 -11.13 -39.86
C ALA D 466 25.06 -12.65 -39.73
N SER D 467 25.10 -13.37 -40.73
#